data_2NW7
#
_entry.id   2NW7
#
_cell.length_a   88.939
_cell.length_b   109.359
_cell.length_c   125.513
_cell.angle_alpha   90.00
_cell.angle_beta   90.00
_cell.angle_gamma   90.00
#
_symmetry.space_group_name_H-M   'P 21 21 21'
#
loop_
_entity.id
_entity.type
_entity.pdbx_description
1 polymer 'Tryptophan 2,3-dioxygenase'
2 non-polymer 'PROTOPORPHYRIN IX CONTAINING FE'
3 water water
#
_entity_poly.entity_id   1
_entity_poly.type   'polypeptide(L)'
_entity_poly.pdbx_seq_one_letter_code
;MPVDKNLRDLEPGIHTDLEGRLTYGGYLRLDQLLSAQQPLSEPAHHDEMLFIIQHQTSELWLKLLAHELRAAIVHLQRDE
VWQCRKVLARSKQVLRQLTEQWSVLETLTPSEYMGFRDVLGPSSGFQSLQYRYIEFLLGNKNPQMLQVFAYDPAGQARLR
EVLEAPSLYEEFLRYLARFGHAIPQQYQARDWTAAHVADDTLRPVFERIYENTDRYWREYSLCEDLVDVETQFQLWRFRH
MRTVMRVIGFKRGTGGSSGVGFLQQALALTFFPELFDVRTSVGVDNRPPQGSADAGKRLEHHHHHH
;
_entity_poly.pdbx_strand_id   A,B,C,D
#
# COMPACT_ATOMS: atom_id res chain seq x y z
N ARG A 21 26.08 -19.97 9.23
CA ARG A 21 26.05 -21.19 10.09
C ARG A 21 24.61 -21.61 10.42
N LEU A 22 24.45 -22.32 11.53
CA LEU A 22 23.14 -22.79 11.90
C LEU A 22 22.36 -21.79 12.74
N THR A 23 23.03 -20.73 13.18
CA THR A 23 22.39 -19.69 13.99
C THR A 23 21.45 -18.87 13.12
N TYR A 24 20.42 -18.29 13.74
CA TYR A 24 19.53 -17.42 12.99
C TYR A 24 20.39 -16.20 12.71
N GLY A 25 21.06 -15.70 13.74
CA GLY A 25 21.93 -14.54 13.59
C GLY A 25 23.15 -14.85 12.75
N GLY A 26 23.62 -16.08 12.86
CA GLY A 26 24.79 -16.51 12.11
C GLY A 26 24.51 -16.69 10.62
N TYR A 27 23.32 -17.15 10.30
CA TYR A 27 22.99 -17.34 8.89
C TYR A 27 22.79 -15.99 8.22
N LEU A 28 22.16 -15.06 8.94
CA LEU A 28 21.90 -13.73 8.38
C LEU A 28 23.05 -12.75 8.65
N ARG A 29 24.04 -13.17 9.44
CA ARG A 29 25.18 -12.33 9.77
C ARG A 29 24.68 -11.02 10.39
N LEU A 30 23.82 -11.14 11.40
CA LEU A 30 23.25 -9.97 12.02
C LEU A 30 24.21 -9.06 12.75
N ASP A 31 25.29 -9.62 13.27
CA ASP A 31 26.26 -8.80 13.99
C ASP A 31 26.93 -7.84 13.02
N GLN A 32 27.14 -8.29 11.78
CA GLN A 32 27.76 -7.47 10.75
C GLN A 32 26.71 -6.50 10.19
N LEU A 33 25.46 -6.96 10.09
CA LEU A 33 24.38 -6.13 9.57
C LEU A 33 23.92 -5.06 10.55
N LEU A 34 23.70 -5.47 11.79
CA LEU A 34 23.23 -4.57 12.84
C LEU A 34 24.32 -3.68 13.50
N SER A 35 25.49 -3.59 12.86
CA SER A 35 26.56 -2.74 13.37
C SER A 35 27.04 -1.80 12.26
N ALA A 36 26.21 -1.63 11.24
CA ALA A 36 26.52 -0.79 10.10
C ALA A 36 25.90 0.58 10.21
N GLN A 37 25.09 0.75 11.25
CA GLN A 37 24.44 2.02 11.47
C GLN A 37 25.36 2.79 12.39
N GLN A 38 26.08 3.74 11.81
CA GLN A 38 27.03 4.56 12.56
C GLN A 38 26.71 6.05 12.46
N PRO A 39 25.87 6.56 13.39
CA PRO A 39 25.50 7.97 13.43
C PRO A 39 26.74 8.81 13.69
N LEU A 40 26.98 9.83 12.90
CA LEU A 40 28.17 10.61 13.11
C LEU A 40 27.91 11.91 13.85
N SER A 41 26.73 12.04 14.44
CA SER A 41 26.36 13.23 15.19
C SER A 41 26.99 13.19 16.58
N GLU A 42 28.06 13.97 16.76
CA GLU A 42 28.81 14.03 18.01
C GLU A 42 27.92 14.08 19.24
N PRO A 43 26.92 14.97 19.25
CA PRO A 43 26.05 15.01 20.42
C PRO A 43 25.07 13.81 20.41
N ALA A 44 24.85 13.24 19.22
CA ALA A 44 23.96 12.07 18.97
C ALA A 44 22.50 12.47 18.75
N HIS A 45 22.04 12.47 17.50
CA HIS A 45 20.67 12.88 17.22
C HIS A 45 19.65 11.76 16.98
N HIS A 46 18.52 11.85 17.66
CA HIS A 46 17.47 10.85 17.54
C HIS A 46 17.08 10.42 16.13
N ASP A 47 16.69 11.38 15.31
CA ASP A 47 16.23 11.14 13.95
C ASP A 47 17.28 10.74 12.93
N GLU A 48 18.55 10.81 13.30
CA GLU A 48 19.59 10.41 12.38
C GLU A 48 19.52 8.92 12.08
N MET A 49 19.04 8.12 13.04
CA MET A 49 18.94 6.68 12.80
C MET A 49 18.03 6.43 11.60
N LEU A 50 16.88 7.07 11.60
CA LEU A 50 15.95 6.92 10.50
C LEU A 50 16.64 7.26 9.19
N PHE A 51 17.47 8.29 9.18
CA PHE A 51 18.16 8.68 7.96
C PHE A 51 18.96 7.49 7.39
N ILE A 52 19.80 6.90 8.24
CA ILE A 52 20.63 5.78 7.84
C ILE A 52 19.83 4.53 7.47
N ILE A 53 19.04 4.03 8.41
CA ILE A 53 18.27 2.83 8.12
C ILE A 53 17.40 2.92 6.89
N GLN A 54 16.91 4.12 6.59
CA GLN A 54 16.06 4.34 5.42
C GLN A 54 16.91 4.12 4.18
N HIS A 55 18.16 4.59 4.22
CA HIS A 55 19.00 4.39 3.06
C HIS A 55 19.37 2.92 2.92
N GLN A 56 19.75 2.31 4.03
CA GLN A 56 20.17 0.91 4.03
C GLN A 56 19.15 -0.10 3.56
N THR A 57 17.90 0.02 4.00
CA THR A 57 16.90 -0.93 3.53
C THR A 57 16.75 -0.79 2.03
N SER A 58 16.78 0.45 1.53
CA SER A 58 16.65 0.66 0.10
C SER A 58 17.75 -0.04 -0.66
N GLU A 59 18.96 0.07 -0.13
CA GLU A 59 20.10 -0.53 -0.79
C GLU A 59 19.96 -2.05 -0.82
N LEU A 60 19.54 -2.64 0.30
CA LEU A 60 19.33 -4.07 0.37
C LEU A 60 18.31 -4.49 -0.71
N TRP A 61 17.28 -3.68 -0.93
CA TRP A 61 16.29 -4.00 -1.96
C TRP A 61 16.92 -3.78 -3.35
N LEU A 62 17.65 -2.69 -3.51
CA LEU A 62 18.31 -2.41 -4.78
C LEU A 62 19.20 -3.58 -5.16
N LYS A 63 19.88 -4.14 -4.18
CA LYS A 63 20.74 -5.29 -4.45
C LYS A 63 19.88 -6.47 -4.94
N LEU A 64 18.75 -6.74 -4.29
CA LEU A 64 17.90 -7.86 -4.74
C LEU A 64 17.36 -7.57 -6.14
N LEU A 65 16.89 -6.34 -6.35
CA LEU A 65 16.34 -5.91 -7.64
C LEU A 65 17.28 -6.23 -8.79
N ALA A 66 18.57 -5.92 -8.59
CA ALA A 66 19.61 -6.20 -9.59
C ALA A 66 19.66 -7.71 -9.84
N HIS A 67 19.80 -8.46 -8.76
CA HIS A 67 19.86 -9.91 -8.80
C HIS A 67 18.79 -10.48 -9.74
N GLU A 68 17.55 -10.00 -9.56
CA GLU A 68 16.39 -10.44 -10.35
C GLU A 68 16.46 -9.96 -11.80
N LEU A 69 16.80 -8.68 -11.96
CA LEU A 69 16.90 -8.07 -13.28
C LEU A 69 17.92 -8.81 -14.13
N ARG A 70 19.07 -9.09 -13.56
CA ARG A 70 20.08 -9.83 -14.28
C ARG A 70 19.49 -11.15 -14.80
N ALA A 71 18.74 -11.86 -13.97
CA ALA A 71 18.16 -13.13 -14.44
C ALA A 71 17.11 -12.84 -15.50
N ALA A 72 16.54 -11.65 -15.47
CA ALA A 72 15.53 -11.33 -16.47
C ALA A 72 16.24 -11.31 -17.84
N ILE A 73 17.50 -10.87 -17.84
CA ILE A 73 18.28 -10.81 -19.07
C ILE A 73 18.71 -12.19 -19.59
N VAL A 74 19.09 -13.08 -18.68
CA VAL A 74 19.48 -14.42 -19.10
C VAL A 74 18.30 -15.19 -19.68
N HIS A 75 17.12 -15.12 -19.04
CA HIS A 75 15.97 -15.86 -19.57
C HIS A 75 15.55 -15.35 -20.94
N LEU A 76 15.59 -14.03 -21.12
CA LEU A 76 15.23 -13.46 -22.41
C LEU A 76 16.18 -13.97 -23.48
N GLN A 77 17.46 -14.10 -23.12
CA GLN A 77 18.47 -14.59 -24.04
C GLN A 77 18.21 -16.03 -24.38
N ARG A 78 17.47 -16.70 -23.52
CA ARG A 78 17.19 -18.09 -23.76
C ARG A 78 15.78 -18.34 -24.23
N ASP A 79 15.03 -17.26 -24.44
CA ASP A 79 13.66 -17.39 -24.92
C ASP A 79 12.79 -18.03 -23.80
N GLU A 80 13.27 -17.99 -22.56
CA GLU A 80 12.54 -18.56 -21.41
C GLU A 80 11.60 -17.48 -20.86
N VAL A 81 10.44 -17.37 -21.50
CA VAL A 81 9.44 -16.37 -21.17
C VAL A 81 8.77 -16.49 -19.81
N TRP A 82 8.11 -17.62 -19.53
CA TRP A 82 7.44 -17.78 -18.25
C TRP A 82 8.44 -17.57 -17.13
N GLN A 83 9.70 -17.95 -17.35
CA GLN A 83 10.72 -17.76 -16.31
C GLN A 83 11.08 -16.27 -16.19
N CYS A 84 10.98 -15.54 -17.30
CA CYS A 84 11.31 -14.11 -17.33
C CYS A 84 10.23 -13.26 -16.62
N ARG A 85 8.96 -13.61 -16.80
CA ARG A 85 7.88 -12.88 -16.17
C ARG A 85 7.92 -13.06 -14.66
N LYS A 86 8.33 -14.24 -14.22
CA LYS A 86 8.43 -14.56 -12.80
C LYS A 86 9.40 -13.59 -12.11
N VAL A 87 10.61 -13.44 -12.65
CA VAL A 87 11.59 -12.53 -12.05
C VAL A 87 11.12 -11.08 -12.15
N LEU A 88 10.54 -10.72 -13.28
CA LEU A 88 10.03 -9.35 -13.44
C LEU A 88 8.90 -9.15 -12.46
N ALA A 89 8.15 -10.21 -12.15
CA ALA A 89 7.02 -10.07 -11.23
C ALA A 89 7.55 -9.72 -9.84
N ARG A 90 8.66 -10.37 -9.47
CA ARG A 90 9.29 -10.14 -8.18
C ARG A 90 9.91 -8.76 -8.19
N SER A 91 10.56 -8.42 -9.30
CA SER A 91 11.19 -7.12 -9.44
C SER A 91 10.20 -6.02 -9.18
N LYS A 92 8.96 -6.21 -9.67
CA LYS A 92 7.88 -5.26 -9.50
C LYS A 92 7.48 -5.15 -8.03
N GLN A 93 7.43 -6.27 -7.32
CA GLN A 93 7.10 -6.21 -5.90
C GLN A 93 8.19 -5.43 -5.18
N VAL A 94 9.45 -5.75 -5.47
CA VAL A 94 10.55 -5.03 -4.83
C VAL A 94 10.50 -3.53 -5.13
N LEU A 95 10.42 -3.17 -6.40
CA LEU A 95 10.34 -1.77 -6.81
C LEU A 95 9.20 -1.05 -6.13
N ARG A 96 8.18 -1.80 -5.75
CA ARG A 96 7.01 -1.28 -5.07
C ARG A 96 7.34 -1.03 -3.59
N GLN A 97 8.27 -1.80 -3.04
CA GLN A 97 8.67 -1.58 -1.66
C GLN A 97 9.43 -0.27 -1.64
N LEU A 98 10.43 -0.19 -2.51
CA LEU A 98 11.24 1.00 -2.61
C LEU A 98 10.41 2.28 -2.66
N THR A 99 9.35 2.27 -3.44
CA THR A 99 8.48 3.42 -3.60
C THR A 99 7.64 3.68 -2.35
N GLU A 100 7.02 2.63 -1.83
CA GLU A 100 6.18 2.72 -0.65
C GLU A 100 6.97 3.17 0.57
N GLN A 101 8.20 2.71 0.66
CA GLN A 101 9.13 3.01 1.74
C GLN A 101 9.22 4.49 2.14
N TRP A 102 9.26 5.37 1.13
CA TRP A 102 9.36 6.82 1.36
C TRP A 102 8.39 7.34 2.43
N SER A 103 7.22 6.70 2.54
CA SER A 103 6.20 7.08 3.50
C SER A 103 6.75 7.23 4.90
N VAL A 104 7.69 6.38 5.25
CA VAL A 104 8.27 6.46 6.57
C VAL A 104 9.23 7.63 6.67
N LEU A 105 9.94 7.94 5.58
CA LEU A 105 10.89 9.06 5.58
C LEU A 105 10.18 10.40 5.47
N GLU A 106 8.95 10.39 4.97
CA GLU A 106 8.25 11.64 4.89
C GLU A 106 7.93 12.16 6.27
N THR A 107 8.25 11.37 7.30
CA THR A 107 7.99 11.80 8.69
C THR A 107 9.20 12.49 9.27
N LEU A 108 10.19 12.75 8.45
CA LEU A 108 11.38 13.43 8.90
C LEU A 108 11.19 14.92 8.63
N THR A 109 10.76 15.66 9.65
CA THR A 109 10.54 17.09 9.48
C THR A 109 11.82 17.89 9.27
N PRO A 110 11.72 19.06 8.65
CA PRO A 110 12.91 19.89 8.43
C PRO A 110 13.56 20.27 9.76
N SER A 111 12.76 20.35 10.81
CA SER A 111 13.26 20.69 12.13
C SER A 111 14.23 19.63 12.61
N GLU A 112 13.89 18.38 12.33
CA GLU A 112 14.71 17.26 12.74
C GLU A 112 15.97 17.17 11.89
N TYR A 113 15.80 17.09 10.57
CA TYR A 113 16.92 17.00 9.64
C TYR A 113 17.93 18.08 9.94
N MET A 114 17.42 19.18 10.47
CA MET A 114 18.24 20.34 10.80
C MET A 114 19.24 20.02 11.91
N GLY A 115 18.97 18.98 12.68
CA GLY A 115 19.84 18.60 13.78
C GLY A 115 21.03 17.70 13.49
N PHE A 116 21.14 17.18 12.27
CA PHE A 116 22.28 16.32 11.95
C PHE A 116 22.66 16.58 10.50
N ARG A 117 21.98 17.53 9.88
CA ARG A 117 22.26 17.88 8.49
C ARG A 117 23.75 18.21 8.33
N ASP A 118 24.27 19.10 9.16
CA ASP A 118 25.67 19.53 9.08
C ASP A 118 26.72 18.43 9.03
N VAL A 119 26.57 17.41 9.87
CA VAL A 119 27.54 16.32 9.92
C VAL A 119 27.59 15.50 8.64
N LEU A 120 26.57 15.64 7.80
CA LEU A 120 26.53 14.90 6.55
C LEU A 120 27.45 15.49 5.49
N GLY A 121 28.11 14.62 4.74
CA GLY A 121 29.01 15.09 3.69
C GLY A 121 28.28 15.53 2.44
N PRO A 122 29.03 16.00 1.42
CA PRO A 122 28.39 16.44 0.18
C PRO A 122 27.88 15.27 -0.66
N SER A 123 28.15 14.04 -0.21
CA SER A 123 27.73 12.83 -0.93
C SER A 123 26.21 12.63 -0.93
N SER A 124 25.70 12.08 -2.02
CA SER A 124 24.28 11.83 -2.17
C SER A 124 24.12 10.48 -2.86
N GLY A 125 22.87 10.10 -3.11
CA GLY A 125 22.62 8.83 -3.76
C GLY A 125 23.22 8.70 -5.14
N PHE A 126 23.79 9.80 -5.64
CA PHE A 126 24.43 9.80 -6.96
C PHE A 126 25.58 8.78 -6.94
N GLN A 127 26.07 8.49 -5.73
CA GLN A 127 27.16 7.55 -5.51
C GLN A 127 26.65 6.11 -5.32
N SER A 128 25.33 5.93 -5.29
CA SER A 128 24.78 4.60 -5.14
C SER A 128 25.11 3.79 -6.39
N LEU A 129 26.18 3.02 -6.28
CA LEU A 129 26.63 2.19 -7.37
C LEU A 129 25.51 1.22 -7.75
N GLN A 130 24.94 0.55 -6.76
CA GLN A 130 23.86 -0.38 -7.05
C GLN A 130 22.74 0.29 -7.80
N TYR A 131 22.38 1.50 -7.36
CA TYR A 131 21.32 2.21 -8.04
C TYR A 131 21.73 2.38 -9.49
N ARG A 132 22.92 2.95 -9.69
CA ARG A 132 23.47 3.21 -11.03
C ARG A 132 23.49 1.93 -11.85
N TYR A 133 23.68 0.81 -11.17
CA TYR A 133 23.72 -0.47 -11.84
C TYR A 133 22.37 -0.82 -12.43
N ILE A 134 21.31 -0.42 -11.72
CA ILE A 134 19.92 -0.68 -12.13
C ILE A 134 19.57 0.27 -13.29
N GLU A 135 20.03 1.51 -13.18
CA GLU A 135 19.83 2.53 -14.20
C GLU A 135 20.37 2.04 -15.55
N PHE A 136 21.66 1.70 -15.61
CA PHE A 136 22.29 1.23 -16.84
C PHE A 136 21.64 -0.07 -17.36
N LEU A 137 21.48 -1.03 -16.45
CA LEU A 137 20.88 -2.31 -16.77
C LEU A 137 19.51 -2.16 -17.44
N LEU A 138 18.73 -1.17 -17.02
CA LEU A 138 17.43 -0.95 -17.64
C LEU A 138 17.54 -0.20 -18.97
N GLY A 139 18.74 0.22 -19.33
CA GLY A 139 18.90 0.90 -20.60
C GLY A 139 19.47 2.30 -20.57
N ASN A 140 19.28 3.01 -19.45
CA ASN A 140 19.80 4.37 -19.34
C ASN A 140 21.33 4.36 -19.14
N LYS A 141 22.08 3.92 -20.17
CA LYS A 141 23.54 3.86 -20.12
C LYS A 141 24.18 5.25 -20.12
N ASN A 142 25.33 5.38 -19.48
CA ASN A 142 26.02 6.66 -19.42
C ASN A 142 27.50 6.38 -19.20
N PRO A 143 28.29 6.29 -20.29
CA PRO A 143 29.73 6.03 -20.23
C PRO A 143 30.50 6.98 -19.29
N GLN A 144 30.31 8.29 -19.49
CA GLN A 144 30.98 9.32 -18.70
C GLN A 144 30.37 9.48 -17.30
N MET A 145 30.02 8.34 -16.71
CA MET A 145 29.41 8.32 -15.39
C MET A 145 30.11 7.28 -14.53
N LEU A 146 30.87 6.39 -15.16
CA LEU A 146 31.59 5.36 -14.44
C LEU A 146 32.80 5.96 -13.73
N GLN A 147 33.01 7.26 -13.92
CA GLN A 147 34.14 7.92 -13.29
C GLN A 147 33.91 8.17 -11.81
N VAL A 148 32.68 8.53 -11.45
CA VAL A 148 32.34 8.82 -10.05
C VAL A 148 32.68 7.66 -9.11
N PHE A 149 32.71 6.46 -9.66
CA PHE A 149 33.01 5.26 -8.87
C PHE A 149 34.42 4.79 -9.15
N ALA A 150 35.31 5.73 -9.42
CA ALA A 150 36.71 5.42 -9.72
C ALA A 150 37.38 4.79 -8.49
N TYR A 151 36.89 5.13 -7.30
CA TYR A 151 37.45 4.60 -6.05
C TYR A 151 37.43 3.07 -5.99
N ASP A 152 36.33 2.47 -6.42
CA ASP A 152 36.24 1.03 -6.37
C ASP A 152 36.33 0.42 -7.76
N PRO A 153 37.56 0.12 -8.20
CA PRO A 153 37.80 -0.47 -9.51
C PRO A 153 37.09 -1.81 -9.70
N ALA A 154 36.93 -2.56 -8.62
CA ALA A 154 36.26 -3.87 -8.65
C ALA A 154 34.81 -3.73 -9.07
N GLY A 155 34.10 -2.81 -8.40
CA GLY A 155 32.71 -2.56 -8.71
C GLY A 155 32.61 -1.84 -10.04
N GLN A 156 33.60 -1.00 -10.32
CA GLN A 156 33.62 -0.25 -11.57
C GLN A 156 33.56 -1.24 -12.73
N ALA A 157 34.37 -2.30 -12.62
CA ALA A 157 34.42 -3.32 -13.66
C ALA A 157 33.05 -3.97 -13.84
N ARG A 158 32.40 -4.29 -12.72
CA ARG A 158 31.07 -4.88 -12.77
C ARG A 158 30.08 -3.93 -13.41
N LEU A 159 30.30 -2.64 -13.23
CA LEU A 159 29.41 -1.64 -13.82
C LEU A 159 29.62 -1.52 -15.32
N ARG A 160 30.90 -1.52 -15.73
CA ARG A 160 31.26 -1.41 -17.13
C ARG A 160 30.76 -2.62 -17.91
N GLU A 161 30.54 -3.74 -17.22
CA GLU A 161 30.06 -4.94 -17.90
C GLU A 161 28.63 -4.74 -18.40
N VAL A 162 27.72 -4.43 -17.48
CA VAL A 162 26.32 -4.22 -17.84
C VAL A 162 26.19 -3.04 -18.82
N LEU A 163 27.16 -2.13 -18.77
CA LEU A 163 27.18 -0.99 -19.66
C LEU A 163 27.48 -1.39 -21.10
N GLU A 164 28.50 -2.23 -21.26
CA GLU A 164 28.89 -2.68 -22.58
C GLU A 164 27.99 -3.78 -23.11
N ALA A 165 27.14 -4.34 -22.24
CA ALA A 165 26.23 -5.40 -22.65
C ALA A 165 24.85 -4.83 -23.01
N PRO A 166 24.07 -5.59 -23.81
CA PRO A 166 22.74 -5.13 -24.20
C PRO A 166 21.86 -4.93 -22.96
N SER A 167 21.07 -3.86 -22.96
CA SER A 167 20.21 -3.54 -21.81
C SER A 167 19.07 -4.54 -21.68
N LEU A 168 18.28 -4.36 -20.63
CA LEU A 168 17.16 -5.25 -20.43
C LEU A 168 16.24 -5.08 -21.66
N TYR A 169 16.01 -3.84 -22.06
CA TYR A 169 15.15 -3.55 -23.20
C TYR A 169 15.73 -4.06 -24.52
N GLU A 170 17.04 -3.89 -24.68
CA GLU A 170 17.69 -4.31 -25.90
C GLU A 170 17.66 -5.83 -26.09
N GLU A 171 17.85 -6.56 -25.00
CA GLU A 171 17.81 -8.02 -25.02
C GLU A 171 16.36 -8.49 -25.20
N PHE A 172 15.43 -7.53 -25.17
CA PHE A 172 14.03 -7.84 -25.38
C PHE A 172 13.77 -7.77 -26.89
N LEU A 173 14.24 -6.71 -27.54
CA LEU A 173 14.06 -6.60 -29.00
C LEU A 173 14.74 -7.79 -29.69
N ARG A 174 15.85 -8.27 -29.12
CA ARG A 174 16.56 -9.42 -29.68
C ARG A 174 15.62 -10.59 -29.69
N TYR A 175 14.90 -10.75 -28.57
CA TYR A 175 13.93 -11.82 -28.39
C TYR A 175 12.85 -11.76 -29.47
N LEU A 176 12.34 -10.55 -29.72
CA LEU A 176 11.31 -10.34 -30.72
C LEU A 176 11.86 -10.73 -32.08
N ALA A 177 13.10 -10.31 -32.34
CA ALA A 177 13.76 -10.61 -33.59
C ALA A 177 13.88 -12.12 -33.86
N ARG A 178 14.26 -12.92 -32.86
CA ARG A 178 14.39 -14.38 -33.07
C ARG A 178 13.06 -15.07 -33.42
N PHE A 179 11.94 -14.39 -33.15
CA PHE A 179 10.64 -14.96 -33.43
C PHE A 179 9.89 -14.33 -34.61
N GLY A 180 10.65 -13.78 -35.55
CA GLY A 180 10.08 -13.21 -36.75
C GLY A 180 9.45 -11.84 -36.72
N HIS A 181 9.86 -11.00 -35.78
CA HIS A 181 9.34 -9.65 -35.71
C HIS A 181 10.31 -8.77 -36.47
N ALA A 182 9.76 -7.75 -37.14
CA ALA A 182 10.54 -6.82 -37.94
C ALA A 182 11.36 -5.86 -37.09
N ILE A 183 12.44 -6.36 -36.49
CA ILE A 183 13.33 -5.58 -35.64
C ILE A 183 14.56 -5.15 -36.43
N PRO A 184 14.85 -3.84 -36.48
CA PRO A 184 16.01 -3.31 -37.22
C PRO A 184 17.28 -4.14 -36.99
N GLN A 185 17.92 -4.54 -38.08
CA GLN A 185 19.13 -5.34 -38.07
C GLN A 185 20.28 -4.73 -37.25
N GLN A 186 20.15 -3.45 -36.91
CA GLN A 186 21.19 -2.80 -36.13
C GLN A 186 21.25 -3.29 -34.69
N TYR A 187 20.17 -3.89 -34.22
CA TYR A 187 20.14 -4.39 -32.85
C TYR A 187 20.92 -5.68 -32.63
N GLN A 188 21.24 -6.38 -33.72
CA GLN A 188 22.00 -7.63 -33.62
C GLN A 188 23.42 -7.36 -33.15
N ALA A 189 23.82 -6.09 -33.19
CA ALA A 189 25.16 -5.72 -32.76
C ALA A 189 25.37 -4.23 -32.98
N ARG A 190 25.84 -3.55 -31.95
CA ARG A 190 26.10 -2.12 -32.04
C ARG A 190 26.86 -1.68 -30.80
N ASP A 191 27.04 -0.37 -30.65
CA ASP A 191 27.73 0.19 -29.49
C ASP A 191 26.73 0.22 -28.35
N TRP A 192 26.75 -0.85 -27.54
CA TRP A 192 25.84 -0.98 -26.39
C TRP A 192 26.09 0.11 -25.35
N THR A 193 27.29 0.68 -25.38
CA THR A 193 27.65 1.74 -24.44
C THR A 193 26.71 2.93 -24.60
N ALA A 194 26.23 3.15 -25.82
CA ALA A 194 25.33 4.26 -26.11
C ALA A 194 23.88 3.93 -25.84
N ALA A 195 23.24 4.77 -25.03
CA ALA A 195 21.84 4.58 -24.72
C ALA A 195 21.04 4.33 -25.99
N HIS A 196 19.87 3.72 -25.82
CA HIS A 196 18.95 3.39 -26.89
C HIS A 196 18.32 4.65 -27.45
N VAL A 197 18.18 4.71 -28.77
CA VAL A 197 17.58 5.86 -29.40
C VAL A 197 16.17 5.55 -29.90
N ALA A 198 15.20 6.41 -29.60
CA ALA A 198 13.83 6.20 -30.05
C ALA A 198 13.86 5.82 -31.55
N ASP A 199 13.28 4.67 -31.87
CA ASP A 199 13.24 4.15 -33.23
C ASP A 199 11.81 4.18 -33.78
N ASP A 200 11.58 4.96 -34.84
CA ASP A 200 10.26 5.05 -35.40
C ASP A 200 9.81 3.79 -36.09
N THR A 201 10.75 2.99 -36.58
CA THR A 201 10.42 1.75 -37.28
C THR A 201 9.95 0.67 -36.31
N LEU A 202 10.02 0.97 -35.02
CA LEU A 202 9.58 0.04 -34.01
C LEU A 202 8.07 0.14 -33.82
N ARG A 203 7.51 1.31 -34.14
CA ARG A 203 6.08 1.55 -34.00
C ARG A 203 5.20 0.48 -34.67
N PRO A 204 5.46 0.16 -35.94
CA PRO A 204 4.62 -0.86 -36.59
C PRO A 204 4.74 -2.26 -35.95
N VAL A 205 5.89 -2.55 -35.35
CA VAL A 205 6.10 -3.85 -34.69
C VAL A 205 5.20 -4.03 -33.47
N PHE A 206 5.04 -2.98 -32.68
CA PHE A 206 4.20 -3.04 -31.49
C PHE A 206 2.73 -2.80 -31.80
N GLU A 207 2.45 -2.07 -32.88
CA GLU A 207 1.06 -1.86 -33.23
C GLU A 207 0.49 -3.24 -33.54
N ARG A 208 1.30 -4.09 -34.17
CA ARG A 208 0.87 -5.44 -34.55
C ARG A 208 0.64 -6.31 -33.33
N ILE A 209 1.60 -6.26 -32.42
CA ILE A 209 1.53 -7.02 -31.20
C ILE A 209 0.27 -6.75 -30.40
N TYR A 210 -0.08 -5.48 -30.25
CA TYR A 210 -1.26 -5.08 -29.49
C TYR A 210 -2.63 -5.27 -30.15
N GLU A 211 -2.62 -5.51 -31.47
CA GLU A 211 -3.84 -5.71 -32.24
C GLU A 211 -4.14 -7.20 -32.37
N ASN A 212 -3.16 -8.04 -32.08
CA ASN A 212 -3.34 -9.48 -32.17
C ASN A 212 -2.83 -10.09 -30.91
N THR A 213 -3.43 -9.66 -29.81
CA THR A 213 -3.02 -10.13 -28.50
C THR A 213 -3.03 -11.63 -28.37
N ASP A 214 -4.14 -12.26 -28.74
CA ASP A 214 -4.25 -13.72 -28.62
C ASP A 214 -3.13 -14.42 -29.36
N ARG A 215 -2.75 -13.84 -30.49
CA ARG A 215 -1.70 -14.42 -31.30
C ARG A 215 -0.35 -14.14 -30.68
N TYR A 216 -0.14 -12.91 -30.22
CA TYR A 216 1.14 -12.54 -29.62
C TYR A 216 1.07 -12.32 -28.10
N TRP A 217 0.21 -13.10 -27.43
CA TRP A 217 0.04 -12.99 -25.98
C TRP A 217 1.37 -12.97 -25.21
N ARG A 218 2.35 -13.77 -25.64
CA ARG A 218 3.64 -13.77 -24.94
C ARG A 218 4.28 -12.39 -25.01
N GLU A 219 4.52 -11.90 -26.22
CA GLU A 219 5.15 -10.59 -26.39
C GLU A 219 4.26 -9.50 -25.76
N TYR A 220 2.95 -9.76 -25.70
CA TYR A 220 1.97 -8.84 -25.13
C TYR A 220 2.05 -8.82 -23.60
N SER A 221 2.43 -9.95 -23.02
CA SER A 221 2.58 -10.04 -21.56
C SER A 221 3.87 -9.31 -21.16
N LEU A 222 4.94 -9.62 -21.87
CA LEU A 222 6.25 -9.01 -21.62
C LEU A 222 6.22 -7.49 -21.80
N CYS A 223 5.45 -7.02 -22.79
CA CYS A 223 5.32 -5.60 -23.10
C CYS A 223 4.76 -4.83 -21.92
N GLU A 224 3.67 -5.36 -21.37
CA GLU A 224 3.04 -4.74 -20.22
C GLU A 224 3.91 -4.89 -18.97
N ASP A 225 4.71 -5.95 -18.87
CA ASP A 225 5.58 -6.11 -17.71
C ASP A 225 6.62 -4.97 -17.72
N LEU A 226 7.09 -4.61 -18.92
CA LEU A 226 8.07 -3.54 -19.09
C LEU A 226 7.44 -2.19 -18.75
N VAL A 227 6.23 -1.97 -19.22
CA VAL A 227 5.53 -0.71 -18.96
C VAL A 227 5.32 -0.56 -17.44
N ASP A 228 5.08 -1.67 -16.76
CA ASP A 228 4.89 -1.68 -15.32
C ASP A 228 6.16 -1.26 -14.60
N VAL A 229 7.25 -1.95 -14.92
CA VAL A 229 8.50 -1.64 -14.29
C VAL A 229 8.84 -0.18 -14.40
N GLU A 230 8.81 0.34 -15.62
CA GLU A 230 9.13 1.74 -15.83
C GLU A 230 8.18 2.62 -15.03
N THR A 231 6.89 2.35 -15.13
CA THR A 231 5.93 3.16 -14.39
C THR A 231 6.25 3.15 -12.92
N GLN A 232 6.50 1.97 -12.38
CA GLN A 232 6.83 1.86 -10.97
C GLN A 232 8.09 2.65 -10.69
N PHE A 233 9.11 2.46 -11.52
CA PHE A 233 10.37 3.16 -11.37
C PHE A 233 10.16 4.69 -11.35
N GLN A 234 9.27 5.17 -12.20
CA GLN A 234 8.95 6.59 -12.26
C GLN A 234 8.25 6.98 -10.95
N LEU A 235 7.46 6.07 -10.37
CA LEU A 235 6.77 6.37 -9.12
C LEU A 235 7.77 6.62 -8.02
N TRP A 236 8.79 5.77 -8.01
CA TRP A 236 9.86 5.87 -7.02
C TRP A 236 10.61 7.16 -7.24
N ARG A 237 10.83 7.48 -8.52
CA ARG A 237 11.54 8.68 -8.86
C ARG A 237 10.79 9.89 -8.33
N PHE A 238 9.49 9.93 -8.60
CA PHE A 238 8.60 11.01 -8.18
C PHE A 238 8.52 11.12 -6.66
N ARG A 239 8.17 10.03 -5.97
CA ARG A 239 8.08 10.02 -4.51
C ARG A 239 9.38 10.53 -3.91
N HIS A 240 10.50 9.96 -4.34
CA HIS A 240 11.82 10.38 -3.87
C HIS A 240 11.95 11.90 -3.91
N MET A 241 11.61 12.46 -5.07
CA MET A 241 11.67 13.90 -5.32
C MET A 241 10.80 14.67 -4.34
N ARG A 242 9.55 14.23 -4.16
CA ARG A 242 8.62 14.88 -3.24
C ARG A 242 9.07 14.80 -1.78
N THR A 243 9.76 13.73 -1.41
CA THR A 243 10.23 13.61 -0.03
C THR A 243 11.31 14.64 0.19
N VAL A 244 12.16 14.80 -0.81
CA VAL A 244 13.26 15.76 -0.77
C VAL A 244 12.69 17.16 -0.62
N MET A 245 11.68 17.48 -1.42
CA MET A 245 11.09 18.80 -1.33
C MET A 245 10.60 19.10 0.08
N ARG A 246 10.00 18.12 0.75
CA ARG A 246 9.47 18.40 2.09
C ARG A 246 10.50 18.36 3.19
N VAL A 247 11.73 18.02 2.82
CA VAL A 247 12.79 17.99 3.80
C VAL A 247 13.68 19.21 3.61
N ILE A 248 14.30 19.32 2.43
CA ILE A 248 15.20 20.45 2.14
C ILE A 248 14.64 21.52 1.22
N GLY A 249 13.39 21.39 0.79
CA GLY A 249 12.83 22.40 -0.09
C GLY A 249 13.43 22.43 -1.49
N PHE A 250 12.75 23.14 -2.38
CA PHE A 250 13.16 23.26 -3.77
C PHE A 250 14.07 24.46 -4.03
N LYS A 251 13.49 25.49 -4.64
CA LYS A 251 14.16 26.74 -5.01
C LYS A 251 15.68 26.66 -4.94
N SER A 257 19.49 24.24 -12.78
CA SER A 257 20.51 23.84 -11.81
C SER A 257 20.33 22.38 -11.37
N SER A 258 21.13 21.96 -10.39
CA SER A 258 21.09 20.59 -9.85
C SER A 258 20.12 20.49 -8.68
N GLY A 259 20.54 19.78 -7.63
CA GLY A 259 19.70 19.63 -6.45
C GLY A 259 18.34 18.99 -6.75
N VAL A 260 17.33 19.38 -6.00
CA VAL A 260 15.99 18.85 -6.18
C VAL A 260 15.51 19.13 -7.60
N GLY A 261 16.19 20.05 -8.29
CA GLY A 261 15.81 20.36 -9.66
C GLY A 261 16.29 19.28 -10.62
N PHE A 262 17.37 18.61 -10.23
CA PHE A 262 17.95 17.55 -11.05
C PHE A 262 16.96 16.40 -11.12
N LEU A 263 16.40 16.07 -9.97
CA LEU A 263 15.42 14.99 -9.83
C LEU A 263 14.26 15.22 -10.79
N GLN A 264 13.86 16.48 -10.89
CA GLN A 264 12.78 16.92 -11.75
C GLN A 264 13.04 16.48 -13.20
N GLN A 265 14.28 16.57 -13.62
CA GLN A 265 14.68 16.20 -14.98
C GLN A 265 14.66 14.70 -15.15
N ALA A 266 15.12 13.98 -14.12
CA ALA A 266 15.16 12.52 -14.18
C ALA A 266 13.79 11.93 -14.49
N LEU A 267 12.73 12.67 -14.16
CA LEU A 267 11.37 12.21 -14.42
C LEU A 267 11.01 12.24 -15.90
N ALA A 268 11.73 13.05 -16.67
CA ALA A 268 11.47 13.18 -18.11
C ALA A 268 12.12 12.02 -18.89
N LEU A 269 13.01 11.32 -18.20
CA LEU A 269 13.73 10.18 -18.76
C LEU A 269 12.74 9.07 -19.12
N THR A 270 13.21 8.11 -19.92
CA THR A 270 12.36 7.01 -20.32
C THR A 270 13.19 5.80 -20.67
N PHE A 271 12.70 4.61 -20.33
CA PHE A 271 13.44 3.39 -20.63
C PHE A 271 13.03 2.76 -21.95
N PHE A 272 11.73 2.61 -22.16
CA PHE A 272 11.21 1.96 -23.36
C PHE A 272 10.24 2.85 -24.12
N PRO A 273 10.75 3.93 -24.73
CA PRO A 273 9.93 4.88 -25.47
C PRO A 273 8.95 4.25 -26.46
N GLU A 274 9.46 3.35 -27.29
CA GLU A 274 8.63 2.69 -28.30
C GLU A 274 7.35 2.14 -27.66
N LEU A 275 7.50 1.54 -26.49
CA LEU A 275 6.38 0.96 -25.74
C LEU A 275 5.31 2.00 -25.44
N PHE A 276 5.75 3.17 -25.00
CA PHE A 276 4.80 4.22 -24.69
C PHE A 276 4.27 4.94 -25.92
N ASP A 277 5.10 5.07 -26.95
CA ASP A 277 4.66 5.75 -28.17
C ASP A 277 3.50 5.07 -28.88
N VAL A 278 3.62 3.77 -29.10
CA VAL A 278 2.59 3.01 -29.81
C VAL A 278 1.22 3.25 -29.23
N ARG A 279 1.17 3.51 -27.93
CA ARG A 279 -0.08 3.73 -27.24
C ARG A 279 -0.96 4.74 -27.99
N THR A 280 -0.36 5.53 -28.87
CA THR A 280 -1.17 6.52 -29.58
C THR A 280 -1.41 6.20 -31.05
N SER A 281 -0.91 5.04 -31.47
CA SER A 281 -1.03 4.61 -32.85
C SER A 281 -1.87 3.33 -32.93
N VAL A 282 -1.86 2.56 -31.84
CA VAL A 282 -2.59 1.29 -31.78
C VAL A 282 -4.03 1.38 -32.29
N GLY A 283 -4.36 0.51 -33.23
CA GLY A 283 -5.70 0.46 -33.81
C GLY A 283 -6.24 1.75 -34.42
N VAL A 284 -5.34 2.61 -34.87
CA VAL A 284 -5.72 3.89 -35.46
C VAL A 284 -6.11 3.72 -36.93
N ARG B 21 -23.84 8.64 -21.32
CA ARG B 21 -23.90 9.54 -22.51
C ARG B 21 -22.55 10.18 -22.86
N LEU B 22 -22.58 11.35 -23.51
CA LEU B 22 -21.34 12.00 -23.91
C LEU B 22 -20.73 12.88 -22.81
N THR B 23 -21.52 13.17 -21.77
CA THR B 23 -21.07 13.99 -20.65
C THR B 23 -20.41 13.13 -19.58
N TYR B 24 -19.39 13.68 -18.93
CA TYR B 24 -18.69 12.96 -17.88
C TYR B 24 -19.68 12.46 -16.82
N GLY B 25 -20.38 13.38 -16.19
CA GLY B 25 -21.33 13.00 -15.16
C GLY B 25 -22.52 12.28 -15.75
N GLY B 26 -22.68 12.41 -17.06
CA GLY B 26 -23.76 11.74 -17.76
C GLY B 26 -23.43 10.27 -17.91
N TYR B 27 -22.33 9.99 -18.59
CA TYR B 27 -21.85 8.63 -18.83
C TYR B 27 -21.62 7.86 -17.53
N LEU B 28 -21.13 8.56 -16.51
CA LEU B 28 -20.85 7.91 -15.23
C LEU B 28 -22.05 7.95 -14.31
N ARG B 29 -23.10 8.63 -14.75
CA ARG B 29 -24.32 8.77 -13.99
C ARG B 29 -24.07 9.22 -12.57
N LEU B 30 -23.38 10.35 -12.44
CA LEU B 30 -23.04 10.91 -11.14
C LEU B 30 -24.21 11.39 -10.28
N ASP B 31 -25.29 11.84 -10.91
CA ASP B 31 -26.44 12.28 -10.14
C ASP B 31 -27.07 11.08 -9.40
N GLN B 32 -27.10 9.93 -10.06
CA GLN B 32 -27.66 8.74 -9.43
C GLN B 32 -26.72 8.21 -8.34
N LEU B 33 -25.43 8.07 -8.67
CA LEU B 33 -24.43 7.59 -7.74
C LEU B 33 -24.23 8.47 -6.52
N LEU B 34 -24.05 9.77 -6.74
CA LEU B 34 -23.82 10.72 -5.66
C LEU B 34 -25.05 11.17 -4.81
N SER B 35 -26.21 10.58 -5.08
CA SER B 35 -27.44 10.87 -4.31
C SER B 35 -27.92 9.61 -3.56
N ALA B 36 -27.08 8.59 -3.53
CA ALA B 36 -27.45 7.36 -2.87
C ALA B 36 -26.97 7.33 -1.44
N GLN B 37 -26.35 8.43 -1.02
CA GLN B 37 -25.84 8.52 0.33
C GLN B 37 -26.88 9.23 1.18
N GLN B 38 -27.54 8.48 2.06
CA GLN B 38 -28.57 9.06 2.92
C GLN B 38 -28.41 8.69 4.40
N PRO B 39 -27.63 9.47 5.15
CA PRO B 39 -27.46 9.16 6.58
C PRO B 39 -28.82 9.18 7.26
N LEU B 40 -29.04 8.32 8.26
CA LEU B 40 -30.34 8.33 8.93
C LEU B 40 -30.32 9.11 10.24
N SER B 41 -29.16 9.58 10.68
CA SER B 41 -29.07 10.34 11.92
C SER B 41 -29.80 11.67 11.73
N GLU B 42 -30.89 11.87 12.47
CA GLU B 42 -31.64 13.11 12.31
C GLU B 42 -30.78 14.35 12.42
N PRO B 43 -30.06 14.51 13.53
CA PRO B 43 -29.22 15.70 13.64
C PRO B 43 -28.14 15.69 12.55
N ALA B 44 -28.02 14.58 11.83
CA ALA B 44 -27.02 14.45 10.75
C ALA B 44 -25.61 14.39 11.31
N HIS B 45 -25.14 13.18 11.60
CA HIS B 45 -23.82 12.98 12.19
C HIS B 45 -22.66 12.97 11.19
N HIS B 46 -21.67 13.81 11.44
CA HIS B 46 -20.52 13.92 10.56
C HIS B 46 -19.93 12.57 10.12
N ASP B 47 -19.88 11.62 11.03
CA ASP B 47 -19.28 10.33 10.73
C ASP B 47 -20.09 9.27 10.07
N GLU B 48 -21.35 9.57 9.83
CA GLU B 48 -22.19 8.58 9.18
C GLU B 48 -21.86 8.52 7.67
N MET B 49 -21.34 9.63 7.11
CA MET B 49 -20.99 9.66 5.68
C MET B 49 -19.93 8.61 5.39
N LEU B 50 -18.96 8.50 6.30
CA LEU B 50 -17.93 7.51 6.15
C LEU B 50 -18.57 6.13 6.17
N PHE B 51 -19.28 5.83 7.23
CA PHE B 51 -19.91 4.52 7.36
C PHE B 51 -20.58 4.03 6.07
N ILE B 52 -21.36 4.94 5.45
CA ILE B 52 -22.09 4.70 4.20
C ILE B 52 -21.16 4.64 2.99
N ILE B 53 -20.20 5.56 2.92
CA ILE B 53 -19.28 5.57 1.78
C ILE B 53 -18.28 4.42 1.84
N GLN B 54 -18.00 3.94 3.04
CA GLN B 54 -17.09 2.83 3.19
C GLN B 54 -17.72 1.59 2.56
N HIS B 55 -19.02 1.38 2.77
CA HIS B 55 -19.69 0.23 2.20
C HIS B 55 -19.89 0.36 0.70
N GLN B 56 -20.42 1.49 0.25
CA GLN B 56 -20.69 1.67 -1.17
C GLN B 56 -19.48 1.43 -2.06
N THR B 57 -18.31 1.96 -1.69
CA THR B 57 -17.13 1.72 -2.52
C THR B 57 -16.82 0.22 -2.57
N SER B 58 -17.02 -0.47 -1.45
CA SER B 58 -16.74 -1.91 -1.41
C SER B 58 -17.63 -2.64 -2.41
N GLU B 59 -18.92 -2.37 -2.32
CA GLU B 59 -19.92 -2.96 -3.19
C GLU B 59 -19.58 -2.62 -4.64
N LEU B 60 -18.84 -1.52 -4.85
CA LEU B 60 -18.46 -1.11 -6.19
C LEU B 60 -17.37 -2.02 -6.73
N TRP B 61 -16.40 -2.31 -5.89
CA TRP B 61 -15.31 -3.20 -6.27
C TRP B 61 -15.84 -4.64 -6.36
N LEU B 62 -16.71 -5.01 -5.42
CA LEU B 62 -17.27 -6.35 -5.44
C LEU B 62 -17.97 -6.58 -6.77
N LYS B 63 -18.74 -5.62 -7.25
CA LYS B 63 -19.39 -5.81 -8.54
C LYS B 63 -18.34 -6.05 -9.65
N LEU B 64 -17.22 -5.33 -9.60
CA LEU B 64 -16.16 -5.51 -10.61
C LEU B 64 -15.51 -6.89 -10.46
N LEU B 65 -15.19 -7.24 -9.21
CA LEU B 65 -14.57 -8.50 -8.84
C LEU B 65 -15.27 -9.69 -9.45
N ALA B 66 -16.59 -9.71 -9.31
CA ALA B 66 -17.44 -10.77 -9.83
C ALA B 66 -17.37 -10.82 -11.36
N HIS B 67 -17.43 -9.64 -11.96
CA HIS B 67 -17.36 -9.48 -13.40
C HIS B 67 -16.07 -10.13 -13.93
N GLU B 68 -14.93 -9.80 -13.31
CA GLU B 68 -13.64 -10.35 -13.72
C GLU B 68 -13.57 -11.87 -13.41
N LEU B 69 -14.07 -12.25 -12.24
CA LEU B 69 -14.08 -13.65 -11.82
C LEU B 69 -14.85 -14.54 -12.77
N ARG B 70 -16.07 -14.12 -13.12
CA ARG B 70 -16.94 -14.86 -14.03
C ARG B 70 -16.23 -14.97 -15.39
N ALA B 71 -15.42 -13.98 -15.73
CA ALA B 71 -14.70 -14.04 -16.99
C ALA B 71 -13.63 -15.10 -16.88
N ALA B 72 -13.10 -15.28 -15.68
CA ALA B 72 -12.05 -16.27 -15.48
C ALA B 72 -12.57 -17.69 -15.73
N ILE B 73 -13.71 -17.97 -15.12
CA ILE B 73 -14.35 -19.27 -15.23
C ILE B 73 -14.55 -19.65 -16.68
N VAL B 74 -15.05 -18.72 -17.48
CA VAL B 74 -15.29 -18.99 -18.89
C VAL B 74 -13.96 -19.28 -19.56
N HIS B 75 -12.99 -18.39 -19.37
CA HIS B 75 -11.67 -18.59 -19.96
C HIS B 75 -11.14 -20.01 -19.71
N LEU B 76 -11.28 -20.47 -18.46
CA LEU B 76 -10.82 -21.79 -18.08
C LEU B 76 -11.56 -22.90 -18.81
N GLN B 77 -12.85 -22.68 -19.03
CA GLN B 77 -13.67 -23.65 -19.72
C GLN B 77 -13.23 -23.82 -21.18
N ARG B 78 -12.77 -22.74 -21.78
CA ARG B 78 -12.30 -22.72 -23.15
C ARG B 78 -10.81 -22.99 -23.27
N ASP B 79 -10.15 -23.18 -22.13
CA ASP B 79 -8.72 -23.46 -22.12
C ASP B 79 -7.90 -22.25 -22.51
N GLU B 80 -8.40 -21.06 -22.20
CA GLU B 80 -7.71 -19.83 -22.55
C GLU B 80 -6.89 -19.34 -21.36
N VAL B 81 -5.75 -19.98 -21.14
CA VAL B 81 -4.88 -19.69 -19.99
C VAL B 81 -4.42 -18.24 -19.76
N TRP B 82 -3.74 -17.64 -20.74
CA TRP B 82 -3.23 -16.27 -20.64
C TRP B 82 -4.38 -15.28 -20.47
N GLN B 83 -5.56 -15.62 -20.99
CA GLN B 83 -6.68 -14.74 -20.81
C GLN B 83 -7.15 -14.89 -19.37
N CYS B 84 -7.14 -16.12 -18.86
CA CYS B 84 -7.60 -16.36 -17.49
C CYS B 84 -6.73 -15.65 -16.49
N ARG B 85 -5.42 -15.75 -16.67
CA ARG B 85 -4.53 -15.09 -15.76
C ARG B 85 -4.79 -13.59 -15.77
N LYS B 86 -4.97 -13.03 -16.96
CA LYS B 86 -5.21 -11.60 -17.07
C LYS B 86 -6.34 -11.16 -16.14
N VAL B 87 -7.54 -11.68 -16.37
CA VAL B 87 -8.66 -11.28 -15.52
C VAL B 87 -8.34 -11.54 -14.06
N LEU B 88 -7.68 -12.67 -13.77
CA LEU B 88 -7.33 -12.97 -12.38
C LEU B 88 -6.34 -11.95 -11.82
N ALA B 89 -5.48 -11.40 -12.67
CA ALA B 89 -4.53 -10.41 -12.19
C ALA B 89 -5.35 -9.18 -11.77
N ARG B 90 -6.34 -8.80 -12.57
CA ARG B 90 -7.14 -7.66 -12.16
C ARG B 90 -7.89 -7.98 -10.87
N SER B 91 -8.43 -9.20 -10.76
CA SER B 91 -9.16 -9.62 -9.55
C SER B 91 -8.30 -9.39 -8.31
N LYS B 92 -7.01 -9.75 -8.39
CA LYS B 92 -6.12 -9.56 -7.25
C LYS B 92 -6.08 -8.08 -6.86
N GLN B 93 -5.88 -7.18 -7.84
CA GLN B 93 -5.82 -5.75 -7.54
C GLN B 93 -7.12 -5.23 -6.94
N VAL B 94 -8.25 -5.79 -7.35
CA VAL B 94 -9.52 -5.35 -6.82
C VAL B 94 -9.58 -5.78 -5.34
N LEU B 95 -9.23 -7.04 -5.07
CA LEU B 95 -9.23 -7.52 -3.70
C LEU B 95 -8.26 -6.68 -2.84
N ARG B 96 -7.14 -6.32 -3.44
CA ARG B 96 -6.16 -5.52 -2.75
C ARG B 96 -6.75 -4.18 -2.35
N GLN B 97 -7.44 -3.52 -3.27
CA GLN B 97 -8.06 -2.25 -2.92
C GLN B 97 -9.10 -2.51 -1.85
N LEU B 98 -9.85 -3.59 -2.00
CA LEU B 98 -10.89 -3.93 -1.04
C LEU B 98 -10.27 -4.16 0.33
N THR B 99 -9.02 -4.62 0.36
CA THR B 99 -8.32 -4.87 1.62
C THR B 99 -7.72 -3.55 2.16
N GLU B 100 -7.02 -2.81 1.30
CA GLU B 100 -6.39 -1.56 1.67
C GLU B 100 -7.41 -0.55 2.24
N GLN B 101 -8.54 -0.50 1.58
CA GLN B 101 -9.62 0.40 1.98
C GLN B 101 -10.01 0.39 3.49
N TRP B 102 -9.68 -0.67 4.23
CA TRP B 102 -10.02 -0.76 5.67
C TRP B 102 -9.28 0.26 6.54
N SER B 103 -8.21 0.83 5.98
CA SER B 103 -7.45 1.81 6.70
C SER B 103 -8.23 3.08 6.93
N VAL B 104 -9.02 3.49 5.94
CA VAL B 104 -9.80 4.70 6.10
C VAL B 104 -10.90 4.49 7.13
N LEU B 105 -11.54 3.32 7.14
CA LEU B 105 -12.58 3.09 8.13
C LEU B 105 -11.98 2.84 9.53
N GLU B 106 -10.67 2.67 9.61
CA GLU B 106 -10.05 2.49 10.92
C GLU B 106 -9.94 3.80 11.69
N THR B 107 -10.21 4.91 10.98
CA THR B 107 -10.16 6.24 11.58
C THR B 107 -11.47 6.60 12.26
N LEU B 108 -12.41 5.67 12.34
CA LEU B 108 -13.70 5.89 13.02
C LEU B 108 -13.52 5.35 14.42
N THR B 109 -13.53 6.23 15.41
CA THR B 109 -13.36 5.81 16.80
C THR B 109 -14.71 5.42 17.40
N PRO B 110 -14.72 4.73 18.56
CA PRO B 110 -15.96 4.32 19.22
C PRO B 110 -16.82 5.49 19.64
N SER B 111 -16.18 6.65 19.81
CA SER B 111 -16.87 7.87 20.24
C SER B 111 -17.73 8.40 19.12
N GLU B 112 -17.18 8.37 17.91
CA GLU B 112 -17.86 8.87 16.75
C GLU B 112 -18.99 7.91 16.37
N TYR B 113 -18.67 6.63 16.28
CA TYR B 113 -19.64 5.59 15.92
C TYR B 113 -20.83 5.66 16.85
N MET B 114 -20.55 5.97 18.11
CA MET B 114 -21.58 6.09 19.14
C MET B 114 -22.67 7.09 18.74
N GLY B 115 -22.28 8.20 18.13
CA GLY B 115 -23.24 9.21 17.72
C GLY B 115 -24.29 8.84 16.69
N PHE B 116 -24.09 7.77 15.94
CA PHE B 116 -25.06 7.35 14.94
C PHE B 116 -25.30 5.85 15.01
N ARG B 117 -24.59 5.19 15.91
CA ARG B 117 -24.72 3.76 16.11
C ARG B 117 -26.19 3.37 16.39
N ASP B 118 -26.83 4.11 17.29
CA ASP B 118 -28.21 3.86 17.70
C ASP B 118 -29.23 3.81 16.55
N VAL B 119 -29.21 4.78 15.65
CA VAL B 119 -30.17 4.79 14.55
C VAL B 119 -29.89 3.72 13.50
N LEU B 120 -28.74 3.07 13.59
CA LEU B 120 -28.40 2.05 12.63
C LEU B 120 -29.36 0.88 12.75
N GLY B 121 -29.41 0.07 11.70
CA GLY B 121 -30.29 -1.07 11.70
C GLY B 121 -29.51 -2.33 12.01
N PRO B 122 -30.20 -3.46 12.21
CA PRO B 122 -29.58 -4.75 12.50
C PRO B 122 -28.97 -5.44 11.27
N SER B 123 -28.90 -4.69 10.15
CA SER B 123 -28.34 -5.22 8.91
C SER B 123 -26.83 -5.35 8.93
N SER B 124 -26.35 -6.45 8.38
CA SER B 124 -24.92 -6.70 8.30
C SER B 124 -24.57 -7.12 6.89
N GLY B 125 -23.27 -7.08 6.58
CA GLY B 125 -22.79 -7.45 5.27
C GLY B 125 -23.17 -8.86 4.86
N PHE B 126 -23.73 -9.62 5.81
CA PHE B 126 -24.18 -10.97 5.54
C PHE B 126 -25.34 -10.91 4.54
N GLN B 127 -25.91 -9.71 4.36
CA GLN B 127 -27.02 -9.53 3.43
C GLN B 127 -26.54 -9.12 2.04
N SER B 128 -25.24 -8.89 1.91
CA SER B 128 -24.63 -8.49 0.65
C SER B 128 -24.77 -9.61 -0.39
N LEU B 129 -25.65 -9.38 -1.36
CA LEU B 129 -25.87 -10.37 -2.40
C LEU B 129 -24.60 -10.50 -3.23
N GLN B 130 -23.93 -9.40 -3.52
CA GLN B 130 -22.73 -9.51 -4.32
C GLN B 130 -21.60 -10.27 -3.65
N TYR B 131 -21.33 -9.95 -2.39
CA TYR B 131 -20.28 -10.63 -1.67
C TYR B 131 -20.51 -12.13 -1.73
N ARG B 132 -21.75 -12.53 -1.49
CA ARG B 132 -22.14 -13.93 -1.51
C ARG B 132 -21.81 -14.61 -2.83
N TYR B 133 -22.11 -13.91 -3.91
CA TYR B 133 -21.86 -14.39 -5.25
C TYR B 133 -20.38 -14.77 -5.38
N ILE B 134 -19.52 -13.87 -4.88
CA ILE B 134 -18.06 -14.05 -4.90
C ILE B 134 -17.70 -15.31 -4.14
N GLU B 135 -18.22 -15.41 -2.92
CA GLU B 135 -17.97 -16.54 -2.05
C GLU B 135 -18.33 -17.86 -2.75
N PHE B 136 -19.55 -17.94 -3.29
CA PHE B 136 -20.03 -19.13 -3.99
C PHE B 136 -19.13 -19.41 -5.19
N LEU B 137 -18.95 -18.37 -5.97
CA LEU B 137 -18.13 -18.45 -7.16
C LEU B 137 -16.76 -19.10 -6.88
N LEU B 138 -16.16 -18.77 -5.74
CA LEU B 138 -14.87 -19.32 -5.37
C LEU B 138 -14.97 -20.74 -4.81
N GLY B 139 -16.19 -21.17 -4.54
CA GLY B 139 -16.39 -22.52 -4.05
C GLY B 139 -17.10 -22.70 -2.73
N ASN B 140 -17.13 -21.65 -1.91
CA ASN B 140 -17.79 -21.73 -0.63
C ASN B 140 -19.30 -21.77 -0.86
N LYS B 141 -19.77 -22.89 -1.41
CA LYS B 141 -21.18 -23.11 -1.70
C LYS B 141 -22.01 -23.31 -0.44
N ASN B 142 -23.23 -22.80 -0.44
CA ASN B 142 -24.11 -22.91 0.72
C ASN B 142 -25.56 -22.81 0.27
N PRO B 143 -26.23 -23.95 0.04
CA PRO B 143 -27.63 -24.03 -0.41
C PRO B 143 -28.62 -23.26 0.46
N GLN B 144 -28.51 -23.43 1.77
CA GLN B 144 -29.41 -22.77 2.71
C GLN B 144 -29.18 -21.26 2.79
N MET B 145 -28.34 -20.74 1.90
CA MET B 145 -28.05 -19.31 1.89
C MET B 145 -28.98 -18.61 0.90
N LEU B 146 -29.54 -19.38 -0.02
CA LEU B 146 -30.44 -18.81 -1.01
C LEU B 146 -31.64 -18.17 -0.34
N GLN B 147 -32.00 -18.69 0.83
CA GLN B 147 -33.15 -18.20 1.58
C GLN B 147 -33.01 -16.75 2.03
N VAL B 148 -31.83 -16.37 2.50
CA VAL B 148 -31.64 -15.00 2.97
C VAL B 148 -31.79 -14.01 1.82
N PHE B 149 -31.93 -14.52 0.60
CA PHE B 149 -32.08 -13.65 -0.56
C PHE B 149 -33.41 -13.84 -1.27
N ALA B 150 -34.30 -14.60 -0.64
CA ALA B 150 -35.60 -14.87 -1.20
C ALA B 150 -36.37 -13.60 -1.60
N TYR B 151 -36.19 -12.52 -0.82
CA TYR B 151 -36.85 -11.25 -1.08
C TYR B 151 -36.54 -10.71 -2.48
N ASP B 152 -35.52 -11.30 -3.10
CA ASP B 152 -35.10 -10.90 -4.43
C ASP B 152 -34.94 -12.09 -5.35
N PRO B 153 -36.03 -12.57 -5.93
CA PRO B 153 -35.99 -13.71 -6.84
C PRO B 153 -35.06 -13.52 -8.04
N ALA B 154 -34.89 -12.27 -8.51
CA ALA B 154 -34.02 -12.01 -9.65
C ALA B 154 -32.57 -12.27 -9.24
N GLY B 155 -32.21 -11.85 -8.03
CA GLY B 155 -30.86 -12.05 -7.54
C GLY B 155 -30.65 -13.47 -7.05
N GLN B 156 -31.67 -14.05 -6.42
CA GLN B 156 -31.61 -15.41 -5.90
C GLN B 156 -31.36 -16.37 -7.05
N ALA B 157 -31.99 -16.05 -8.18
CA ALA B 157 -31.85 -16.84 -9.38
C ALA B 157 -30.40 -16.79 -9.87
N ARG B 158 -29.75 -15.64 -9.68
CA ARG B 158 -28.35 -15.43 -10.09
C ARG B 158 -27.42 -16.29 -9.23
N LEU B 159 -27.74 -16.38 -7.95
CA LEU B 159 -26.97 -17.17 -7.01
C LEU B 159 -27.16 -18.65 -7.23
N ARG B 160 -28.39 -19.05 -7.53
CA ARG B 160 -28.68 -20.46 -7.75
C ARG B 160 -27.94 -20.93 -9.00
N GLU B 161 -27.67 -20.01 -9.92
CA GLU B 161 -26.96 -20.37 -11.15
C GLU B 161 -25.49 -20.69 -10.87
N VAL B 162 -24.87 -19.89 -10.01
CA VAL B 162 -23.47 -20.11 -9.67
C VAL B 162 -23.34 -21.17 -8.57
N LEU B 163 -24.47 -21.55 -7.98
CA LEU B 163 -24.46 -22.56 -6.94
C LEU B 163 -24.49 -23.97 -7.52
N GLU B 164 -25.17 -24.15 -8.65
CA GLU B 164 -25.29 -25.47 -9.28
C GLU B 164 -24.24 -25.69 -10.33
N ALA B 165 -23.37 -24.69 -10.51
CA ALA B 165 -22.29 -24.75 -11.50
C ALA B 165 -20.93 -24.99 -10.84
N PRO B 166 -19.99 -25.56 -11.59
CA PRO B 166 -18.68 -25.79 -11.01
C PRO B 166 -18.04 -24.43 -10.64
N SER B 167 -17.36 -24.35 -9.49
CA SER B 167 -16.72 -23.11 -9.05
C SER B 167 -15.44 -22.89 -9.85
N LEU B 168 -14.78 -21.77 -9.56
CA LEU B 168 -13.52 -21.41 -10.23
C LEU B 168 -12.55 -22.56 -10.04
N TYR B 169 -12.40 -23.00 -8.79
CA TYR B 169 -11.49 -24.10 -8.46
C TYR B 169 -11.85 -25.38 -9.22
N GLU B 170 -13.13 -25.77 -9.13
CA GLU B 170 -13.59 -26.98 -9.79
C GLU B 170 -13.37 -26.91 -11.30
N GLU B 171 -13.62 -25.74 -11.89
CA GLU B 171 -13.38 -25.58 -13.32
C GLU B 171 -11.88 -25.70 -13.59
N PHE B 172 -11.08 -25.32 -12.61
CA PHE B 172 -9.63 -25.40 -12.75
C PHE B 172 -9.19 -26.87 -12.81
N LEU B 173 -9.76 -27.68 -11.90
CA LEU B 173 -9.47 -29.11 -11.82
C LEU B 173 -9.96 -29.79 -13.09
N ARG B 174 -10.99 -29.23 -13.73
CA ARG B 174 -11.51 -29.80 -14.97
C ARG B 174 -10.53 -29.45 -16.07
N TYR B 175 -9.88 -28.31 -15.92
CA TYR B 175 -8.89 -27.83 -16.88
C TYR B 175 -7.76 -28.86 -16.95
N LEU B 176 -7.17 -29.15 -15.79
CA LEU B 176 -6.08 -30.10 -15.68
C LEU B 176 -6.47 -31.47 -16.27
N ALA B 177 -7.70 -31.91 -16.03
CA ALA B 177 -8.17 -33.20 -16.52
C ALA B 177 -8.09 -33.25 -18.03
N ARG B 178 -8.21 -32.09 -18.66
CA ARG B 178 -8.14 -32.04 -20.09
C ARG B 178 -6.72 -32.11 -20.63
N PHE B 179 -5.72 -32.25 -19.76
CA PHE B 179 -4.35 -32.34 -20.26
C PHE B 179 -3.42 -33.38 -19.63
N GLY B 180 -3.99 -34.52 -19.26
CA GLY B 180 -3.22 -35.63 -18.72
C GLY B 180 -2.98 -35.72 -17.23
N HIS B 181 -3.53 -34.77 -16.49
CA HIS B 181 -3.35 -34.74 -15.04
C HIS B 181 -4.33 -35.68 -14.34
N ALA B 182 -3.82 -36.54 -13.48
CA ALA B 182 -4.68 -37.50 -12.80
C ALA B 182 -5.72 -36.87 -11.87
N ILE B 183 -6.76 -36.30 -12.47
CA ILE B 183 -7.85 -35.67 -11.72
C ILE B 183 -8.97 -36.68 -11.55
N PRO B 184 -9.38 -36.94 -10.29
CA PRO B 184 -10.45 -37.89 -9.96
C PRO B 184 -11.69 -37.71 -10.85
N GLN B 185 -12.10 -38.79 -11.49
CA GLN B 185 -13.24 -38.78 -12.41
C GLN B 185 -14.49 -38.08 -11.85
N GLN B 186 -14.64 -38.07 -10.53
CA GLN B 186 -15.79 -37.45 -9.89
C GLN B 186 -15.98 -36.00 -10.28
N TYR B 187 -14.92 -35.33 -10.70
CA TYR B 187 -15.03 -33.92 -11.07
C TYR B 187 -15.59 -33.70 -12.46
N GLN B 188 -15.84 -34.79 -13.18
CA GLN B 188 -16.41 -34.72 -14.53
C GLN B 188 -17.90 -34.43 -14.47
N ALA B 189 -18.51 -34.80 -13.35
CA ALA B 189 -19.93 -34.58 -13.14
C ALA B 189 -20.35 -34.95 -11.72
N ARG B 190 -20.99 -34.01 -11.05
CA ARG B 190 -21.45 -34.24 -9.67
C ARG B 190 -22.35 -33.10 -9.22
N ASP B 191 -22.75 -33.15 -7.95
CA ASP B 191 -23.62 -32.13 -7.38
C ASP B 191 -22.79 -30.90 -7.05
N TRP B 192 -22.72 -29.94 -7.95
CA TRP B 192 -21.92 -28.76 -7.69
C TRP B 192 -22.49 -27.89 -6.55
N THR B 193 -23.74 -28.15 -6.19
CA THR B 193 -24.43 -27.41 -5.13
C THR B 193 -23.74 -27.59 -3.78
N ALA B 194 -22.97 -28.67 -3.66
CA ALA B 194 -22.25 -28.92 -2.42
C ALA B 194 -20.83 -28.40 -2.52
N ALA B 195 -20.40 -27.73 -1.47
CA ALA B 195 -19.04 -27.20 -1.41
C ALA B 195 -18.03 -28.34 -1.56
N HIS B 196 -16.90 -28.03 -2.21
CA HIS B 196 -15.82 -28.99 -2.43
C HIS B 196 -15.32 -29.57 -1.12
N VAL B 197 -14.96 -30.85 -1.13
CA VAL B 197 -14.44 -31.50 0.07
C VAL B 197 -12.97 -31.82 -0.16
N ALA B 198 -12.12 -31.50 0.81
CA ALA B 198 -10.69 -31.78 0.70
C ALA B 198 -10.49 -33.20 0.16
N ASP B 199 -9.64 -33.33 -0.84
CA ASP B 199 -9.36 -34.61 -1.49
C ASP B 199 -7.87 -34.93 -1.52
N ASP B 200 -7.49 -36.01 -0.84
CA ASP B 200 -6.10 -36.45 -0.76
C ASP B 200 -5.56 -36.99 -2.09
N THR B 201 -6.45 -37.44 -2.97
CA THR B 201 -5.97 -37.98 -4.23
C THR B 201 -5.47 -36.90 -5.16
N LEU B 202 -5.76 -35.65 -4.84
CA LEU B 202 -5.29 -34.53 -5.65
C LEU B 202 -3.82 -34.24 -5.34
N ARG B 203 -3.38 -34.60 -4.15
CA ARG B 203 -2.03 -34.35 -3.72
C ARG B 203 -0.96 -34.64 -4.76
N PRO B 204 -0.96 -35.86 -5.34
CA PRO B 204 0.02 -36.23 -6.36
C PRO B 204 -0.04 -35.41 -7.64
N VAL B 205 -1.21 -34.89 -7.96
CA VAL B 205 -1.39 -34.06 -9.13
C VAL B 205 -0.60 -32.73 -8.99
N PHE B 206 -0.66 -32.11 -7.82
CA PHE B 206 0.06 -30.86 -7.60
C PHE B 206 1.53 -31.05 -7.28
N GLU B 207 1.89 -32.22 -6.76
CA GLU B 207 3.29 -32.48 -6.45
C GLU B 207 4.04 -32.51 -7.78
N ARG B 208 3.41 -33.13 -8.78
CA ARG B 208 3.95 -33.28 -10.13
C ARG B 208 4.07 -31.93 -10.83
N ILE B 209 3.12 -31.04 -10.55
CA ILE B 209 3.15 -29.74 -11.16
C ILE B 209 4.24 -28.87 -10.57
N TYR B 210 4.47 -28.98 -9.27
CA TYR B 210 5.49 -28.17 -8.60
C TYR B 210 6.91 -28.74 -8.73
N GLU B 211 7.03 -30.04 -8.92
CA GLU B 211 8.34 -30.66 -9.03
C GLU B 211 8.80 -30.73 -10.49
N ASN B 212 7.99 -30.16 -11.39
CA ASN B 212 8.28 -30.15 -12.82
C ASN B 212 7.64 -28.86 -13.41
N THR B 213 8.13 -27.72 -12.94
CA THR B 213 7.60 -26.44 -13.37
C THR B 213 7.88 -26.12 -14.83
N ASP B 214 9.05 -26.53 -15.30
CA ASP B 214 9.43 -26.31 -16.69
C ASP B 214 8.43 -26.97 -17.64
N ARG B 215 7.92 -28.13 -17.24
CA ARG B 215 6.97 -28.87 -18.07
C ARG B 215 5.55 -28.32 -17.94
N TYR B 216 5.12 -28.08 -16.71
CA TYR B 216 3.78 -27.58 -16.45
C TYR B 216 3.75 -26.12 -16.00
N TRP B 217 4.49 -25.26 -16.69
CA TRP B 217 4.52 -23.85 -16.34
C TRP B 217 3.15 -23.20 -16.33
N ARG B 218 2.27 -23.57 -17.26
CA ARG B 218 0.93 -22.98 -17.32
C ARG B 218 0.21 -23.34 -16.04
N GLU B 219 0.21 -24.63 -15.70
CA GLU B 219 -0.46 -25.11 -14.49
C GLU B 219 0.15 -24.44 -13.24
N TYR B 220 1.47 -24.34 -13.25
CA TYR B 220 2.21 -23.73 -12.17
C TYR B 220 1.75 -22.27 -11.93
N SER B 221 1.56 -21.53 -13.01
CA SER B 221 1.11 -20.14 -12.94
C SER B 221 -0.31 -20.00 -12.38
N LEU B 222 -1.21 -20.87 -12.82
CA LEU B 222 -2.59 -20.84 -12.36
C LEU B 222 -2.65 -21.25 -10.89
N CYS B 223 -1.78 -22.16 -10.48
CA CYS B 223 -1.77 -22.60 -9.08
C CYS B 223 -1.39 -21.45 -8.14
N GLU B 224 -0.43 -20.62 -8.54
CA GLU B 224 -0.01 -19.50 -7.69
C GLU B 224 -0.96 -18.33 -7.78
N ASP B 225 -1.66 -18.20 -8.90
CA ASP B 225 -2.63 -17.13 -9.05
C ASP B 225 -3.74 -17.46 -8.07
N LEU B 226 -4.18 -18.73 -8.08
CA LEU B 226 -5.22 -19.16 -7.18
C LEU B 226 -4.81 -18.98 -5.72
N VAL B 227 -3.58 -19.37 -5.36
CA VAL B 227 -3.07 -19.20 -4.00
C VAL B 227 -3.05 -17.71 -3.58
N ASP B 228 -2.82 -16.80 -4.53
CA ASP B 228 -2.81 -15.34 -4.26
C ASP B 228 -4.23 -14.81 -4.02
N VAL B 229 -5.17 -15.22 -4.86
CA VAL B 229 -6.54 -14.79 -4.72
C VAL B 229 -7.05 -15.17 -3.35
N GLU B 230 -6.81 -16.39 -2.93
CA GLU B 230 -7.29 -16.82 -1.61
C GLU B 230 -6.56 -16.13 -0.48
N THR B 231 -5.28 -15.84 -0.67
CA THR B 231 -4.53 -15.20 0.39
C THR B 231 -4.98 -13.77 0.56
N GLN B 232 -5.10 -13.05 -0.55
CA GLN B 232 -5.53 -11.67 -0.50
C GLN B 232 -6.93 -11.62 0.10
N PHE B 233 -7.81 -12.53 -0.30
CA PHE B 233 -9.18 -12.57 0.20
C PHE B 233 -9.21 -12.88 1.71
N GLN B 234 -8.18 -13.55 2.19
CA GLN B 234 -8.10 -13.85 3.61
C GLN B 234 -7.67 -12.58 4.32
N LEU B 235 -6.84 -11.77 3.66
CA LEU B 235 -6.37 -10.53 4.23
C LEU B 235 -7.58 -9.62 4.43
N TRP B 236 -8.36 -9.48 3.38
CA TRP B 236 -9.56 -8.67 3.44
C TRP B 236 -10.42 -9.16 4.60
N ARG B 237 -10.47 -10.47 4.74
CA ARG B 237 -11.26 -11.10 5.77
C ARG B 237 -10.76 -10.74 7.17
N PHE B 238 -9.44 -10.71 7.32
CA PHE B 238 -8.78 -10.39 8.59
C PHE B 238 -8.87 -8.90 8.99
N ARG B 239 -8.59 -8.00 8.05
CA ARG B 239 -8.67 -6.56 8.31
C ARG B 239 -10.10 -6.22 8.68
N HIS B 240 -11.03 -6.84 7.98
CA HIS B 240 -12.43 -6.62 8.24
C HIS B 240 -12.75 -6.88 9.71
N MET B 241 -12.25 -8.00 10.21
CA MET B 241 -12.48 -8.40 11.58
C MET B 241 -11.81 -7.44 12.55
N ARG B 242 -10.56 -7.08 12.26
CA ARG B 242 -9.80 -6.17 13.10
C ARG B 242 -10.45 -4.81 13.22
N THR B 243 -11.02 -4.31 12.12
CA THR B 243 -11.66 -3.00 12.12
C THR B 243 -12.92 -3.10 12.96
N VAL B 244 -13.52 -4.29 12.97
CA VAL B 244 -14.72 -4.51 13.76
C VAL B 244 -14.38 -4.51 15.22
N MET B 245 -13.19 -5.00 15.54
CA MET B 245 -12.80 -5.03 16.93
C MET B 245 -12.62 -3.63 17.50
N ARG B 246 -12.04 -2.71 16.74
CA ARG B 246 -11.83 -1.37 17.27
C ARG B 246 -13.04 -0.44 17.23
N VAL B 247 -14.09 -0.84 16.52
CA VAL B 247 -15.28 -0.01 16.45
C VAL B 247 -16.30 -0.45 17.51
N ILE B 248 -16.62 -1.75 17.50
CA ILE B 248 -17.59 -2.34 18.43
C ILE B 248 -16.99 -3.34 19.45
N GLY B 249 -15.67 -3.48 19.47
CA GLY B 249 -15.05 -4.39 20.41
C GLY B 249 -15.38 -5.85 20.15
N PHE B 250 -14.76 -6.74 20.93
CA PHE B 250 -14.96 -8.18 20.79
C PHE B 250 -16.04 -8.70 21.74
N LYS B 251 -15.63 -9.13 22.93
CA LYS B 251 -16.52 -9.65 23.97
C LYS B 251 -17.41 -10.81 23.51
N SER B 257 -19.46 -17.82 18.18
CA SER B 257 -20.80 -18.00 17.65
C SER B 257 -21.23 -16.95 16.60
N SER B 258 -21.46 -15.71 17.05
CA SER B 258 -21.87 -14.64 16.13
C SER B 258 -21.18 -13.31 16.44
N GLY B 259 -21.31 -12.34 15.55
CA GLY B 259 -20.67 -11.04 15.75
C GLY B 259 -19.19 -11.07 15.36
N VAL B 260 -18.32 -10.83 16.32
CA VAL B 260 -16.87 -10.82 16.10
C VAL B 260 -16.29 -12.24 16.08
N GLY B 261 -16.82 -13.10 16.94
CA GLY B 261 -16.36 -14.47 17.00
C GLY B 261 -16.75 -15.20 15.73
N PHE B 262 -17.63 -14.57 14.95
CA PHE B 262 -18.10 -15.13 13.69
C PHE B 262 -17.13 -14.82 12.57
N LEU B 263 -16.48 -13.66 12.67
CA LEU B 263 -15.52 -13.24 11.67
C LEU B 263 -14.21 -14.00 11.86
N GLN B 264 -14.03 -14.52 13.07
CA GLN B 264 -12.83 -15.27 13.41
C GLN B 264 -12.86 -16.64 12.75
N GLN B 265 -14.06 -17.17 12.55
CA GLN B 265 -14.23 -18.48 11.93
C GLN B 265 -14.04 -18.43 10.41
N ALA B 266 -14.38 -17.28 9.82
CA ALA B 266 -14.28 -17.06 8.37
C ALA B 266 -12.84 -17.22 7.89
N LEU B 267 -11.90 -16.98 8.78
CA LEU B 267 -10.49 -17.11 8.44
C LEU B 267 -10.09 -18.57 8.39
N ALA B 268 -10.84 -19.41 9.09
CA ALA B 268 -10.57 -20.85 9.14
C ALA B 268 -10.96 -21.57 7.84
N LEU B 269 -11.78 -20.91 7.03
CA LEU B 269 -12.24 -21.44 5.75
C LEU B 269 -11.09 -21.42 4.74
N THR B 270 -11.16 -22.30 3.74
CA THR B 270 -10.15 -22.37 2.69
C THR B 270 -10.82 -22.68 1.37
N PHE B 271 -10.45 -21.94 0.32
CA PHE B 271 -11.03 -22.17 -0.99
C PHE B 271 -10.37 -23.33 -1.71
N PHE B 272 -9.05 -23.39 -1.64
CA PHE B 272 -8.30 -24.42 -2.35
C PHE B 272 -7.35 -25.17 -1.44
N PRO B 273 -7.90 -25.94 -0.48
CA PRO B 273 -7.06 -26.69 0.45
C PRO B 273 -5.90 -27.48 -0.15
N GLU B 274 -6.19 -28.24 -1.19
CA GLU B 274 -5.19 -29.06 -1.85
C GLU B 274 -3.99 -28.21 -2.25
N LEU B 275 -4.26 -26.96 -2.63
CA LEU B 275 -3.19 -26.04 -3.02
C LEU B 275 -2.34 -25.65 -1.82
N PHE B 276 -2.93 -25.58 -0.64
CA PHE B 276 -2.12 -25.23 0.50
C PHE B 276 -1.48 -26.46 1.13
N ASP B 277 -2.22 -27.56 1.20
CA ASP B 277 -1.66 -28.76 1.82
C ASP B 277 -0.50 -29.38 1.06
N VAL B 278 -0.45 -29.19 -0.26
CA VAL B 278 0.64 -29.78 -1.03
C VAL B 278 1.97 -29.16 -0.62
N ARG B 279 1.93 -28.00 -0.01
CA ARG B 279 3.16 -27.35 0.40
C ARG B 279 4.01 -28.20 1.32
N THR B 280 3.40 -29.19 1.98
CA THR B 280 4.15 -30.07 2.88
C THR B 280 4.58 -31.42 2.32
N SER B 281 4.17 -31.72 1.08
CA SER B 281 4.50 -32.99 0.44
C SER B 281 5.41 -32.77 -0.76
N VAL B 282 5.56 -31.52 -1.19
CA VAL B 282 6.40 -31.25 -2.35
C VAL B 282 7.89 -31.40 -2.02
N GLY B 283 8.62 -32.06 -2.91
CA GLY B 283 10.06 -32.26 -2.71
C GLY B 283 10.48 -33.36 -1.74
N VAL B 284 9.51 -34.02 -1.13
CA VAL B 284 9.78 -35.10 -0.19
C VAL B 284 9.32 -36.42 -0.79
N ARG C 21 -33.41 2.93 4.29
CA ARG C 21 -34.18 2.38 5.45
C ARG C 21 -33.30 1.50 6.37
N LEU C 22 -33.90 0.48 7.01
CA LEU C 22 -33.18 -0.40 7.94
C LEU C 22 -32.60 -1.68 7.34
N THR C 23 -32.81 -1.90 6.05
CA THR C 23 -32.28 -3.07 5.37
C THR C 23 -30.83 -2.78 5.02
N TYR C 24 -30.07 -3.80 4.65
CA TYR C 24 -28.69 -3.57 4.26
C TYR C 24 -28.71 -2.81 2.95
N GLY C 25 -29.33 -3.43 1.95
CA GLY C 25 -29.42 -2.84 0.64
C GLY C 25 -30.28 -1.59 0.66
N GLY C 26 -31.24 -1.57 1.58
CA GLY C 26 -32.12 -0.42 1.71
C GLY C 26 -31.45 0.78 2.38
N TYR C 27 -30.58 0.52 3.35
CA TYR C 27 -29.87 1.59 4.04
C TYR C 27 -28.89 2.25 3.09
N LEU C 28 -28.11 1.41 2.41
CA LEU C 28 -27.09 1.86 1.48
C LEU C 28 -27.65 2.22 0.12
N ARG C 29 -28.93 1.93 -0.07
CA ARG C 29 -29.66 2.18 -1.32
C ARG C 29 -28.88 1.56 -2.47
N LEU C 30 -28.57 0.28 -2.30
CA LEU C 30 -27.80 -0.44 -3.29
C LEU C 30 -28.47 -0.59 -4.64
N ASP C 31 -29.79 -0.61 -4.65
CA ASP C 31 -30.48 -0.76 -5.92
C ASP C 31 -30.17 0.43 -6.83
N GLN C 32 -30.16 1.64 -6.24
CA GLN C 32 -29.87 2.85 -7.00
C GLN C 32 -28.39 2.89 -7.39
N LEU C 33 -27.52 2.62 -6.44
CA LEU C 33 -26.09 2.64 -6.67
C LEU C 33 -25.69 1.60 -7.70
N LEU C 34 -26.00 0.35 -7.39
CA LEU C 34 -25.67 -0.79 -8.25
C LEU C 34 -26.29 -0.79 -9.64
N SER C 35 -27.07 0.24 -9.96
CA SER C 35 -27.69 0.33 -11.28
C SER C 35 -27.17 1.56 -12.04
N ALA C 36 -26.13 2.18 -11.47
CA ALA C 36 -25.49 3.38 -12.01
C ALA C 36 -24.40 3.03 -13.00
N GLN C 37 -24.25 1.76 -13.33
CA GLN C 37 -23.25 1.33 -14.29
C GLN C 37 -23.97 1.00 -15.60
N GLN C 38 -23.77 1.85 -16.61
CA GLN C 38 -24.42 1.69 -17.90
C GLN C 38 -23.43 1.78 -19.08
N PRO C 39 -22.75 0.68 -19.41
CA PRO C 39 -21.80 0.67 -20.52
C PRO C 39 -22.57 1.01 -21.80
N LEU C 40 -22.01 1.87 -22.64
CA LEU C 40 -22.74 2.21 -23.83
C LEU C 40 -22.22 1.50 -25.08
N SER C 41 -21.35 0.51 -24.90
CA SER C 41 -20.80 -0.25 -26.02
C SER C 41 -21.82 -1.23 -26.56
N GLU C 42 -22.41 -0.91 -27.71
CA GLU C 42 -23.43 -1.77 -28.31
C GLU C 42 -23.04 -3.23 -28.34
N PRO C 43 -21.84 -3.54 -28.86
CA PRO C 43 -21.45 -4.95 -28.89
C PRO C 43 -21.12 -5.44 -27.47
N ALA C 44 -21.01 -4.49 -26.53
CA ALA C 44 -20.71 -4.73 -25.11
C ALA C 44 -19.26 -5.13 -24.87
N HIS C 45 -18.53 -4.35 -24.10
CA HIS C 45 -17.13 -4.69 -23.89
C HIS C 45 -16.77 -5.08 -22.44
N HIS C 46 -16.08 -6.20 -22.30
CA HIS C 46 -15.70 -6.68 -20.97
C HIS C 46 -15.00 -5.68 -20.08
N ASP C 47 -14.14 -4.85 -20.66
CA ASP C 47 -13.39 -3.88 -19.88
C ASP C 47 -14.09 -2.54 -19.63
N GLU C 48 -15.31 -2.40 -20.11
CA GLU C 48 -16.01 -1.14 -19.87
C GLU C 48 -16.54 -1.09 -18.43
N MET C 49 -16.55 -2.22 -17.73
CA MET C 49 -17.03 -2.23 -16.36
C MET C 49 -15.97 -1.61 -15.45
N LEU C 50 -14.71 -1.96 -15.69
CA LEU C 50 -13.59 -1.42 -14.92
C LEU C 50 -13.49 0.10 -15.08
N PHE C 51 -13.54 0.56 -16.32
CA PHE C 51 -13.45 1.98 -16.64
C PHE C 51 -14.53 2.79 -15.91
N ILE C 52 -15.75 2.25 -15.91
CA ILE C 52 -16.87 2.90 -15.23
C ILE C 52 -16.72 2.82 -13.70
N ILE C 53 -16.35 1.65 -13.17
CA ILE C 53 -16.21 1.51 -11.73
C ILE C 53 -15.01 2.25 -11.12
N GLN C 54 -13.94 2.36 -11.91
CA GLN C 54 -12.73 3.04 -11.48
C GLN C 54 -13.11 4.49 -11.21
N HIS C 55 -14.00 5.05 -12.03
CA HIS C 55 -14.41 6.43 -11.83
C HIS C 55 -15.37 6.57 -10.67
N GLN C 56 -16.42 5.76 -10.68
CA GLN C 56 -17.41 5.84 -9.61
C GLN C 56 -16.86 5.64 -8.21
N THR C 57 -15.93 4.71 -8.03
CA THR C 57 -15.37 4.50 -6.69
C THR C 57 -14.63 5.77 -6.25
N SER C 58 -13.86 6.36 -7.17
CA SER C 58 -13.10 7.60 -6.90
C SER C 58 -14.00 8.78 -6.58
N GLU C 59 -15.12 8.86 -7.29
CA GLU C 59 -16.08 9.93 -7.11
C GLU C 59 -16.72 9.77 -5.74
N LEU C 60 -16.83 8.53 -5.26
CA LEU C 60 -17.40 8.28 -3.94
C LEU C 60 -16.42 8.73 -2.85
N TRP C 61 -15.12 8.49 -3.05
CA TRP C 61 -14.13 8.92 -2.08
C TRP C 61 -14.05 10.43 -2.13
N LEU C 62 -13.97 10.99 -3.33
CA LEU C 62 -13.94 12.45 -3.44
C LEU C 62 -15.05 13.05 -2.60
N LYS C 63 -16.26 12.51 -2.71
CA LYS C 63 -17.36 13.04 -1.92
C LYS C 63 -16.98 13.03 -0.44
N LEU C 64 -16.49 11.91 0.08
CA LEU C 64 -16.09 11.87 1.50
C LEU C 64 -15.04 12.95 1.78
N LEU C 65 -14.04 13.01 0.89
CA LEU C 65 -12.95 13.97 1.00
C LEU C 65 -13.43 15.39 1.16
N ALA C 66 -14.46 15.74 0.40
CA ALA C 66 -15.06 17.06 0.45
C ALA C 66 -15.81 17.25 1.78
N HIS C 67 -16.53 16.20 2.19
CA HIS C 67 -17.27 16.20 3.44
C HIS C 67 -16.30 16.40 4.61
N GLU C 68 -15.14 15.73 4.58
CA GLU C 68 -14.15 15.86 5.66
C GLU C 68 -13.39 17.18 5.60
N LEU C 69 -13.10 17.63 4.38
CA LEU C 69 -12.37 18.89 4.16
C LEU C 69 -13.15 20.10 4.66
N ARG C 70 -14.45 20.10 4.37
CA ARG C 70 -15.34 21.18 4.79
C ARG C 70 -15.36 21.26 6.33
N ALA C 71 -15.18 20.12 7.00
CA ALA C 71 -15.17 20.10 8.46
C ALA C 71 -13.82 20.57 8.97
N ALA C 72 -12.78 20.41 8.15
CA ALA C 72 -11.44 20.86 8.55
C ALA C 72 -11.46 22.38 8.67
N ILE C 73 -12.00 23.06 7.66
CA ILE C 73 -12.10 24.52 7.64
C ILE C 73 -12.92 25.06 8.82
N VAL C 74 -14.07 24.43 9.09
CA VAL C 74 -14.93 24.83 10.20
C VAL C 74 -14.16 24.72 11.51
N HIS C 75 -13.57 23.55 11.76
CA HIS C 75 -12.81 23.33 12.99
C HIS C 75 -11.67 24.32 13.10
N LEU C 76 -11.12 24.74 11.97
CA LEU C 76 -10.02 25.70 12.00
C LEU C 76 -10.54 27.09 12.35
N GLN C 77 -11.78 27.37 11.97
CA GLN C 77 -12.39 28.65 12.27
C GLN C 77 -12.68 28.83 13.74
N ARG C 78 -12.95 27.72 14.44
CA ARG C 78 -13.28 27.74 15.87
C ARG C 78 -12.12 27.43 16.78
N ASP C 79 -10.90 27.44 16.22
CA ASP C 79 -9.69 27.17 16.97
C ASP C 79 -9.66 25.75 17.55
N GLU C 80 -10.49 24.87 16.98
CA GLU C 80 -10.56 23.48 17.42
C GLU C 80 -9.45 22.73 16.67
N VAL C 81 -8.27 22.69 17.29
CA VAL C 81 -7.09 22.04 16.70
C VAL C 81 -7.13 20.52 16.62
N TRP C 82 -7.19 19.83 17.76
CA TRP C 82 -7.19 18.37 17.70
C TRP C 82 -8.27 17.84 16.73
N GLN C 83 -9.46 18.44 16.73
CA GLN C 83 -10.52 18.00 15.81
C GLN C 83 -10.07 18.11 14.35
N CYS C 84 -9.45 19.24 14.01
CA CYS C 84 -9.00 19.49 12.66
C CYS C 84 -8.01 18.42 12.20
N ARG C 85 -7.01 18.10 13.00
CA ARG C 85 -6.06 17.06 12.60
C ARG C 85 -6.82 15.76 12.44
N LYS C 86 -7.86 15.58 13.24
CA LYS C 86 -8.64 14.35 13.19
C LYS C 86 -9.32 14.16 11.82
N VAL C 87 -9.92 15.22 11.28
CA VAL C 87 -10.59 15.13 9.98
C VAL C 87 -9.56 15.12 8.87
N LEU C 88 -8.45 15.81 9.10
CA LEU C 88 -7.40 15.85 8.10
C LEU C 88 -6.77 14.47 8.03
N ALA C 89 -6.61 13.83 9.19
CA ALA C 89 -6.01 12.49 9.19
C ALA C 89 -6.81 11.55 8.29
N ARG C 90 -8.13 11.62 8.41
CA ARG C 90 -9.01 10.81 7.60
C ARG C 90 -8.85 11.26 6.16
N SER C 91 -8.74 12.57 5.98
CA SER C 91 -8.59 13.08 4.62
C SER C 91 -7.32 12.55 3.98
N LYS C 92 -6.28 12.30 4.77
CA LYS C 92 -5.07 11.76 4.18
C LYS C 92 -5.30 10.31 3.79
N GLN C 93 -6.03 9.57 4.60
CA GLN C 93 -6.28 8.18 4.27
C GLN C 93 -7.06 8.08 2.96
N VAL C 94 -8.12 8.89 2.84
CA VAL C 94 -8.94 8.91 1.63
C VAL C 94 -8.08 9.24 0.41
N LEU C 95 -7.27 10.28 0.51
CA LEU C 95 -6.39 10.64 -0.60
C LEU C 95 -5.49 9.47 -0.96
N ARG C 96 -5.03 8.74 0.07
CA ARG C 96 -4.16 7.59 -0.12
C ARG C 96 -4.88 6.47 -0.87
N GLN C 97 -6.19 6.34 -0.66
CA GLN C 97 -6.96 5.31 -1.36
C GLN C 97 -7.07 5.72 -2.81
N LEU C 98 -7.54 6.94 -3.03
CA LEU C 98 -7.70 7.50 -4.35
C LEU C 98 -6.41 7.28 -5.15
N THR C 99 -5.26 7.48 -4.51
CA THR C 99 -3.97 7.30 -5.16
C THR C 99 -3.60 5.83 -5.45
N GLU C 100 -3.71 4.98 -4.44
CA GLU C 100 -3.37 3.58 -4.58
C GLU C 100 -4.33 2.90 -5.54
N GLN C 101 -5.47 3.53 -5.72
CA GLN C 101 -6.51 3.05 -6.60
C GLN C 101 -6.10 2.86 -8.07
N TRP C 102 -5.22 3.72 -8.57
CA TRP C 102 -4.78 3.64 -9.98
C TRP C 102 -4.23 2.27 -10.39
N SER C 103 -3.72 1.53 -9.41
CA SER C 103 -3.17 0.22 -9.63
C SER C 103 -4.07 -0.72 -10.41
N VAL C 104 -5.34 -0.81 -10.02
CA VAL C 104 -6.27 -1.68 -10.73
C VAL C 104 -6.53 -1.15 -12.15
N LEU C 105 -6.44 0.17 -12.36
CA LEU C 105 -6.66 0.73 -13.70
C LEU C 105 -5.45 0.52 -14.61
N GLU C 106 -4.26 0.46 -14.03
CA GLU C 106 -3.07 0.22 -14.83
C GLU C 106 -3.17 -1.10 -15.58
N THR C 107 -4.13 -1.95 -15.20
CA THR C 107 -4.31 -3.23 -15.87
C THR C 107 -5.22 -3.08 -17.07
N LEU C 108 -5.44 -1.84 -17.46
CA LEU C 108 -6.27 -1.57 -18.63
C LEU C 108 -5.34 -1.37 -19.83
N THR C 109 -5.04 -2.43 -20.57
CA THR C 109 -4.14 -2.37 -21.74
C THR C 109 -4.74 -1.58 -22.92
N PRO C 110 -3.88 -0.97 -23.76
CA PRO C 110 -4.34 -0.18 -24.92
C PRO C 110 -5.24 -1.01 -25.86
N SER C 111 -4.97 -2.31 -25.93
CA SER C 111 -5.73 -3.24 -26.75
C SER C 111 -7.16 -3.37 -26.23
N GLU C 112 -7.32 -3.41 -24.91
CA GLU C 112 -8.64 -3.53 -24.33
C GLU C 112 -9.37 -2.22 -24.46
N TYR C 113 -8.69 -1.14 -24.09
CA TYR C 113 -9.31 0.19 -24.17
C TYR C 113 -9.75 0.46 -25.58
N MET C 114 -8.88 0.17 -26.53
CA MET C 114 -9.18 0.41 -27.94
C MET C 114 -10.55 -0.13 -28.38
N GLY C 115 -11.03 -1.16 -27.67
CA GLY C 115 -12.30 -1.76 -28.01
C GLY C 115 -13.56 -0.97 -27.66
N PHE C 116 -13.50 -0.11 -26.66
CA PHE C 116 -14.68 0.67 -26.31
C PHE C 116 -14.35 2.15 -26.28
N ARG C 117 -13.18 2.49 -26.78
CA ARG C 117 -12.73 3.87 -26.83
C ARG C 117 -13.71 4.74 -27.63
N ASP C 118 -13.98 4.33 -28.87
CA ASP C 118 -14.87 5.05 -29.78
C ASP C 118 -16.25 5.44 -29.24
N VAL C 119 -16.81 4.65 -28.31
CA VAL C 119 -18.12 4.94 -27.76
C VAL C 119 -18.09 6.05 -26.68
N LEU C 120 -16.88 6.51 -26.36
CA LEU C 120 -16.72 7.56 -25.36
C LEU C 120 -16.70 8.94 -26.01
N GLY C 121 -17.36 9.89 -25.36
CA GLY C 121 -17.38 11.23 -25.90
C GLY C 121 -16.08 11.96 -25.63
N PRO C 122 -16.02 13.26 -25.98
CA PRO C 122 -14.82 14.07 -25.77
C PRO C 122 -14.65 14.45 -24.29
N SER C 123 -15.64 14.11 -23.47
CA SER C 123 -15.61 14.41 -22.04
C SER C 123 -14.31 13.98 -21.35
N SER C 124 -14.12 14.46 -20.13
CA SER C 124 -12.93 14.16 -19.34
C SER C 124 -13.20 14.52 -17.88
N GLY C 125 -12.39 14.00 -16.97
CA GLY C 125 -12.60 14.31 -15.56
C GLY C 125 -12.57 15.80 -15.29
N PHE C 126 -12.31 16.58 -16.33
CA PHE C 126 -12.26 18.02 -16.18
C PHE C 126 -13.66 18.51 -15.81
N GLN C 127 -14.65 17.66 -16.03
CA GLN C 127 -16.05 18.00 -15.73
C GLN C 127 -16.46 17.49 -14.34
N SER C 128 -15.49 17.05 -13.55
CA SER C 128 -15.76 16.57 -12.22
C SER C 128 -15.98 17.74 -11.28
N LEU C 129 -17.20 17.86 -10.76
CA LEU C 129 -17.51 18.95 -9.85
C LEU C 129 -16.82 18.71 -8.51
N GLN C 130 -16.92 17.49 -8.00
CA GLN C 130 -16.32 17.14 -6.72
C GLN C 130 -14.83 17.42 -6.68
N TYR C 131 -14.16 17.04 -7.76
CA TYR C 131 -12.71 17.24 -7.89
C TYR C 131 -12.40 18.71 -7.87
N ARG C 132 -13.08 19.46 -8.73
CA ARG C 132 -12.89 20.91 -8.84
C ARG C 132 -13.15 21.52 -7.47
N TYR C 133 -14.21 21.07 -6.82
CA TYR C 133 -14.56 21.56 -5.49
C TYR C 133 -13.34 21.44 -4.59
N ILE C 134 -12.90 20.21 -4.36
CA ILE C 134 -11.72 19.95 -3.52
C ILE C 134 -10.60 20.89 -3.93
N GLU C 135 -10.37 20.97 -5.24
CA GLU C 135 -9.33 21.82 -5.80
C GLU C 135 -9.52 23.27 -5.33
N PHE C 136 -10.78 23.71 -5.26
CA PHE C 136 -11.11 25.07 -4.84
C PHE C 136 -10.95 25.24 -3.33
N LEU C 137 -11.38 24.22 -2.61
CA LEU C 137 -11.32 24.21 -1.18
C LEU C 137 -9.89 24.37 -0.67
N LEU C 138 -8.94 23.72 -1.35
CA LEU C 138 -7.54 23.80 -0.93
C LEU C 138 -6.89 25.14 -1.29
N GLY C 139 -7.52 25.91 -2.16
CA GLY C 139 -6.94 27.19 -2.49
C GLY C 139 -6.72 27.43 -3.96
N ASN C 140 -6.68 26.33 -4.73
CA ASN C 140 -6.48 26.45 -6.16
C ASN C 140 -7.75 26.93 -6.85
N LYS C 141 -8.13 28.17 -6.55
CA LYS C 141 -9.32 28.81 -7.11
C LYS C 141 -9.13 29.08 -8.60
N ASN C 142 -10.24 29.32 -9.30
CA ASN C 142 -10.18 29.60 -10.72
C ASN C 142 -11.59 29.92 -11.21
N PRO C 143 -11.97 31.22 -11.18
CA PRO C 143 -13.30 31.65 -11.63
C PRO C 143 -13.69 31.14 -13.01
N GLN C 144 -12.73 31.06 -13.92
CA GLN C 144 -12.97 30.60 -15.29
C GLN C 144 -13.38 29.13 -15.35
N MET C 145 -13.80 28.58 -14.21
CA MET C 145 -14.19 27.18 -14.14
C MET C 145 -15.70 27.05 -13.95
N LEU C 146 -16.28 28.00 -13.25
CA LEU C 146 -17.71 28.01 -12.99
C LEU C 146 -18.48 27.91 -14.31
N GLN C 147 -17.84 28.30 -15.41
CA GLN C 147 -18.47 28.29 -16.74
C GLN C 147 -18.70 26.88 -17.28
N VAL C 148 -17.79 25.95 -16.97
CA VAL C 148 -17.93 24.58 -17.46
C VAL C 148 -19.09 23.85 -16.79
N PHE C 149 -19.57 24.41 -15.69
CA PHE C 149 -20.68 23.82 -14.97
C PHE C 149 -21.93 24.68 -15.08
N ALA C 150 -22.16 25.25 -16.26
CA ALA C 150 -23.33 26.10 -16.48
C ALA C 150 -24.62 25.30 -16.58
N TYR C 151 -24.48 23.99 -16.69
CA TYR C 151 -25.64 23.11 -16.82
C TYR C 151 -26.24 22.75 -15.46
N ASP C 152 -25.51 23.06 -14.40
CA ASP C 152 -26.01 22.75 -13.08
C ASP C 152 -25.88 23.94 -12.15
N PRO C 153 -26.92 24.79 -12.11
CA PRO C 153 -26.98 25.99 -11.27
C PRO C 153 -26.91 25.70 -9.78
N ALA C 154 -27.41 24.53 -9.39
CA ALA C 154 -27.41 24.10 -7.99
C ALA C 154 -25.99 23.72 -7.54
N GLY C 155 -25.32 22.93 -8.38
CA GLY C 155 -23.95 22.50 -8.08
C GLY C 155 -22.96 23.64 -8.27
N GLN C 156 -23.18 24.43 -9.32
CA GLN C 156 -22.35 25.58 -9.61
C GLN C 156 -22.40 26.51 -8.41
N ALA C 157 -23.58 26.61 -7.81
CA ALA C 157 -23.77 27.47 -6.64
C ALA C 157 -22.82 27.05 -5.53
N ARG C 158 -22.58 25.73 -5.44
CA ARG C 158 -21.70 25.17 -4.43
C ARG C 158 -20.27 25.64 -4.68
N LEU C 159 -19.87 25.63 -5.95
CA LEU C 159 -18.53 26.07 -6.31
C LEU C 159 -18.30 27.52 -5.90
N ARG C 160 -19.26 28.37 -6.24
CA ARG C 160 -19.16 29.78 -5.91
C ARG C 160 -19.00 29.96 -4.41
N GLU C 161 -19.73 29.18 -3.62
CA GLU C 161 -19.62 29.29 -2.17
C GLU C 161 -18.19 29.10 -1.71
N VAL C 162 -17.54 28.04 -2.18
CA VAL C 162 -16.17 27.75 -1.79
C VAL C 162 -15.18 28.67 -2.55
N LEU C 163 -15.64 29.23 -3.67
CA LEU C 163 -14.80 30.11 -4.46
C LEU C 163 -14.69 31.52 -3.88
N GLU C 164 -15.62 31.88 -3.00
CA GLU C 164 -15.63 33.20 -2.40
C GLU C 164 -15.21 33.19 -0.93
N ALA C 165 -15.11 32.00 -0.36
CA ALA C 165 -14.70 31.85 1.03
C ALA C 165 -13.22 31.55 1.12
N PRO C 166 -12.61 31.87 2.27
CA PRO C 166 -11.18 31.62 2.45
C PRO C 166 -10.96 30.13 2.33
N SER C 167 -9.85 29.79 1.68
CA SER C 167 -9.42 28.43 1.44
C SER C 167 -8.93 27.79 2.75
N LEU C 168 -8.65 26.49 2.71
CA LEU C 168 -8.16 25.77 3.88
C LEU C 168 -6.90 26.51 4.33
N TYR C 169 -5.94 26.67 3.43
CA TYR C 169 -4.70 27.37 3.75
C TYR C 169 -4.99 28.74 4.37
N GLU C 170 -5.76 29.57 3.67
CA GLU C 170 -6.08 30.89 4.16
C GLU C 170 -6.71 30.86 5.55
N GLU C 171 -7.63 29.91 5.78
CA GLU C 171 -8.28 29.76 7.08
C GLU C 171 -7.23 29.30 8.10
N PHE C 172 -6.11 28.78 7.61
CA PHE C 172 -5.06 28.36 8.53
C PHE C 172 -4.20 29.57 8.85
N LEU C 173 -4.02 30.46 7.87
CA LEU C 173 -3.23 31.68 8.08
C LEU C 173 -3.96 32.62 9.07
N ARG C 174 -5.29 32.66 8.99
CA ARG C 174 -6.07 33.51 9.89
C ARG C 174 -6.01 32.92 11.29
N TYR C 175 -5.93 31.60 11.32
CA TYR C 175 -5.84 30.85 12.57
C TYR C 175 -4.61 31.37 13.33
N LEU C 176 -3.47 31.36 12.64
CA LEU C 176 -2.20 31.83 13.16
C LEU C 176 -2.28 33.29 13.55
N ALA C 177 -3.08 34.05 12.81
CA ALA C 177 -3.24 35.47 13.08
C ALA C 177 -3.96 35.70 14.42
N ARG C 178 -4.80 34.77 14.84
CA ARG C 178 -5.47 34.93 16.13
C ARG C 178 -4.61 34.50 17.32
N PHE C 179 -3.46 33.89 17.03
CA PHE C 179 -2.59 33.48 18.13
C PHE C 179 -1.25 34.22 18.21
N GLY C 180 -1.22 35.41 17.64
CA GLY C 180 -0.04 36.27 17.71
C GLY C 180 1.09 36.06 16.73
N HIS C 181 0.76 35.59 15.53
CA HIS C 181 1.77 35.36 14.51
C HIS C 181 1.79 36.50 13.53
N ALA C 182 2.98 36.94 13.12
CA ALA C 182 3.10 38.05 12.19
C ALA C 182 2.40 37.77 10.87
N ILE C 183 1.10 37.48 10.93
CA ILE C 183 0.33 37.22 9.72
C ILE C 183 -0.13 38.53 9.09
N PRO C 184 0.33 38.83 7.86
CA PRO C 184 -0.04 40.05 7.15
C PRO C 184 -1.53 40.42 7.26
N GLN C 185 -1.80 41.68 7.58
CA GLN C 185 -3.15 42.18 7.72
C GLN C 185 -4.05 41.90 6.50
N GLN C 186 -3.44 41.80 5.33
CA GLN C 186 -4.21 41.55 4.10
C GLN C 186 -4.98 40.23 4.10
N TYR C 187 -4.79 39.42 5.13
CA TYR C 187 -5.47 38.13 5.24
C TYR C 187 -6.78 38.17 6.06
N GLN C 188 -7.03 39.30 6.70
CA GLN C 188 -8.24 39.48 7.50
C GLN C 188 -9.46 39.71 6.60
N ALA C 189 -9.21 40.20 5.38
CA ALA C 189 -10.28 40.47 4.43
C ALA C 189 -9.69 40.81 3.07
N ARG C 190 -10.08 40.05 2.05
CA ARG C 190 -9.61 40.26 0.68
C ARG C 190 -10.49 39.49 -0.30
N ASP C 191 -10.13 39.59 -1.57
CA ASP C 191 -10.85 38.91 -2.62
C ASP C 191 -10.44 37.45 -2.61
N TRP C 192 -11.15 36.63 -1.85
CA TRP C 192 -10.84 35.21 -1.76
C TRP C 192 -11.01 34.50 -3.10
N THR C 193 -11.81 35.08 -3.99
CA THR C 193 -12.05 34.48 -5.30
C THR C 193 -10.76 34.37 -6.12
N ALA C 194 -9.72 35.07 -5.70
CA ALA C 194 -8.43 35.02 -6.39
C ALA C 194 -7.49 34.01 -5.75
N ALA C 195 -6.95 33.09 -6.56
CA ALA C 195 -6.01 32.09 -6.07
C ALA C 195 -4.87 32.78 -5.29
N HIS C 196 -4.59 32.27 -4.08
CA HIS C 196 -3.52 32.79 -3.21
C HIS C 196 -2.20 33.01 -3.95
N VAL C 197 -1.41 33.99 -3.51
CA VAL C 197 -0.14 34.26 -4.18
C VAL C 197 1.03 34.17 -3.20
N ALA C 198 2.08 33.46 -3.59
CA ALA C 198 3.26 33.31 -2.74
C ALA C 198 3.59 34.63 -2.06
N ASP C 199 3.86 34.55 -0.76
CA ASP C 199 4.18 35.73 0.02
C ASP C 199 5.47 35.52 0.82
N ASP C 200 6.49 36.29 0.47
CA ASP C 200 7.78 36.18 1.13
C ASP C 200 7.71 36.58 2.60
N THR C 201 6.71 37.37 2.95
CA THR C 201 6.55 37.84 4.32
C THR C 201 6.08 36.74 5.28
N LEU C 202 5.64 35.61 4.73
CA LEU C 202 5.20 34.48 5.55
C LEU C 202 6.38 33.59 5.94
N ARG C 203 7.50 33.77 5.26
CA ARG C 203 8.71 33.01 5.51
C ARG C 203 9.17 33.02 6.96
N PRO C 204 9.31 34.23 7.54
CA PRO C 204 9.76 34.35 8.94
C PRO C 204 8.80 33.73 9.97
N VAL C 205 7.50 33.76 9.67
CA VAL C 205 6.49 33.21 10.56
C VAL C 205 6.68 31.69 10.71
N PHE C 206 6.91 31.01 9.59
CA PHE C 206 7.11 29.57 9.61
C PHE C 206 8.52 29.15 10.01
N GLU C 207 9.46 30.10 10.04
CA GLU C 207 10.81 29.71 10.46
C GLU C 207 10.75 29.61 11.97
N ARG C 208 10.05 30.55 12.60
CA ARG C 208 9.91 30.61 14.06
C ARG C 208 9.29 29.32 14.58
N ILE C 209 8.18 28.91 13.96
CA ILE C 209 7.46 27.70 14.32
C ILE C 209 8.31 26.47 14.10
N TYR C 210 9.04 26.43 12.99
CA TYR C 210 9.85 25.27 12.72
C TYR C 210 11.13 25.16 13.56
N GLU C 211 11.59 26.27 14.12
CA GLU C 211 12.80 26.28 14.94
C GLU C 211 12.47 26.20 16.41
N ASN C 212 11.16 26.21 16.71
CA ASN C 212 10.66 26.13 18.09
C ASN C 212 9.41 25.28 18.12
N THR C 213 9.57 24.03 17.69
CA THR C 213 8.47 23.07 17.65
C THR C 213 7.78 22.88 18.99
N ASP C 214 8.56 22.65 20.05
CA ASP C 214 7.97 22.43 21.38
C ASP C 214 6.96 23.51 21.71
N ARG C 215 7.39 24.75 21.48
CA ARG C 215 6.57 25.92 21.73
C ARG C 215 5.37 25.90 20.81
N TYR C 216 5.64 25.82 19.52
CA TYR C 216 4.57 25.84 18.53
C TYR C 216 4.16 24.46 18.01
N TRP C 217 4.11 23.48 18.90
CA TRP C 217 3.75 22.13 18.49
C TRP C 217 2.40 22.06 17.76
N ARG C 218 1.43 22.87 18.14
CA ARG C 218 0.14 22.82 17.44
C ARG C 218 0.29 23.25 15.97
N GLU C 219 0.84 24.44 15.76
CA GLU C 219 1.02 24.98 14.40
C GLU C 219 1.93 24.05 13.59
N TYR C 220 2.90 23.47 14.29
CA TYR C 220 3.87 22.55 13.74
C TYR C 220 3.20 21.29 13.21
N SER C 221 2.23 20.78 13.96
CA SER C 221 1.53 19.59 13.51
C SER C 221 0.68 19.96 12.31
N LEU C 222 -0.08 21.04 12.45
CA LEU C 222 -0.93 21.47 11.34
C LEU C 222 -0.12 21.75 10.05
N CYS C 223 1.13 22.19 10.17
CA CYS C 223 1.91 22.46 8.96
C CYS C 223 2.24 21.17 8.25
N GLU C 224 2.64 20.16 9.01
CA GLU C 224 2.99 18.88 8.40
C GLU C 224 1.75 18.16 7.85
N ASP C 225 0.59 18.42 8.44
CA ASP C 225 -0.64 17.79 7.95
C ASP C 225 -0.91 18.33 6.55
N LEU C 226 -0.75 19.64 6.40
CA LEU C 226 -0.98 20.27 5.13
C LEU C 226 0.07 19.80 4.11
N VAL C 227 1.33 19.75 4.52
CA VAL C 227 2.39 19.29 3.63
C VAL C 227 2.08 17.86 3.16
N ASP C 228 1.45 17.08 4.03
CA ASP C 228 1.05 15.71 3.75
C ASP C 228 -0.10 15.68 2.74
N VAL C 229 -1.08 16.55 2.96
CA VAL C 229 -2.20 16.59 2.06
C VAL C 229 -1.74 16.92 0.64
N GLU C 230 -1.00 18.01 0.50
CA GLU C 230 -0.51 18.43 -0.82
C GLU C 230 0.34 17.36 -1.47
N THR C 231 1.16 16.68 -0.67
CA THR C 231 2.04 15.63 -1.20
C THR C 231 1.25 14.45 -1.72
N GLN C 232 0.27 14.00 -0.94
CA GLN C 232 -0.56 12.87 -1.35
C GLN C 232 -1.34 13.26 -2.60
N PHE C 233 -1.79 14.50 -2.65
CA PHE C 233 -2.51 15.03 -3.80
C PHE C 233 -1.60 14.93 -5.04
N GLN C 234 -0.36 15.39 -4.93
CA GLN C 234 0.57 15.34 -6.06
C GLN C 234 0.75 13.90 -6.55
N LEU C 235 0.83 12.96 -5.61
CA LEU C 235 0.99 11.54 -5.92
C LEU C 235 -0.21 11.08 -6.73
N TRP C 236 -1.39 11.48 -6.27
CA TRP C 236 -2.62 11.15 -6.96
C TRP C 236 -2.55 11.76 -8.36
N ARG C 237 -2.12 13.02 -8.41
CA ARG C 237 -1.99 13.76 -9.67
C ARG C 237 -1.02 13.02 -10.59
N PHE C 238 0.16 12.68 -10.06
CA PHE C 238 1.19 11.97 -10.81
C PHE C 238 0.72 10.60 -11.30
N ARG C 239 0.31 9.74 -10.38
CA ARG C 239 -0.20 8.40 -10.72
C ARG C 239 -1.26 8.51 -11.83
N HIS C 240 -2.11 9.53 -11.74
CA HIS C 240 -3.16 9.78 -12.72
C HIS C 240 -2.54 9.98 -14.10
N MET C 241 -1.53 10.83 -14.14
CA MET C 241 -0.85 11.14 -15.38
C MET C 241 -0.23 9.89 -16.00
N ARG C 242 0.47 9.10 -15.18
CA ARG C 242 1.14 7.88 -15.67
C ARG C 242 0.18 6.85 -16.24
N THR C 243 -0.92 6.64 -15.55
CA THR C 243 -1.90 5.68 -16.01
C THR C 243 -2.36 6.14 -17.38
N VAL C 244 -2.55 7.45 -17.54
CA VAL C 244 -2.97 7.97 -18.83
C VAL C 244 -1.90 7.69 -19.88
N MET C 245 -0.63 7.91 -19.54
CA MET C 245 0.43 7.66 -20.51
C MET C 245 0.33 6.23 -21.01
N ARG C 246 0.02 5.29 -20.13
CA ARG C 246 -0.05 3.91 -20.56
C ARG C 246 -1.33 3.48 -21.24
N VAL C 247 -2.41 4.21 -21.02
CA VAL C 247 -3.66 3.84 -21.68
C VAL C 247 -3.69 4.56 -23.03
N ILE C 248 -3.75 5.90 -22.99
CA ILE C 248 -3.79 6.74 -24.19
C ILE C 248 -2.41 6.98 -24.79
N GLY C 249 -1.79 8.10 -24.44
CA GLY C 249 -0.48 8.40 -24.98
C GLY C 249 -0.04 9.83 -24.73
N PHE C 250 1.12 10.18 -25.25
CA PHE C 250 1.67 11.52 -25.06
C PHE C 250 1.47 12.38 -26.31
N LYS C 251 0.46 13.25 -26.28
CA LYS C 251 0.19 14.13 -27.41
C LYS C 251 0.76 15.53 -27.24
N SER C 257 0.79 23.40 -22.44
CA SER C 257 0.04 22.58 -23.39
C SER C 257 -1.12 21.88 -22.69
N SER C 258 -1.98 21.25 -23.48
CA SER C 258 -3.14 20.51 -22.96
C SER C 258 -2.95 19.00 -23.15
N GLY C 259 -4.01 18.23 -22.88
CA GLY C 259 -3.94 16.78 -23.02
C GLY C 259 -3.04 16.19 -21.94
N VAL C 260 -2.18 15.25 -22.32
CA VAL C 260 -1.26 14.60 -21.39
C VAL C 260 -0.24 15.63 -20.88
N GLY C 261 -0.03 16.68 -21.67
CA GLY C 261 0.90 17.72 -21.27
C GLY C 261 0.32 18.59 -20.17
N PHE C 262 -1.01 18.60 -20.11
CA PHE C 262 -1.76 19.37 -19.12
C PHE C 262 -1.62 18.71 -17.75
N LEU C 263 -1.64 17.39 -17.74
CA LEU C 263 -1.50 16.62 -16.52
C LEU C 263 -0.09 16.80 -15.97
N GLN C 264 0.87 17.01 -16.87
CA GLN C 264 2.28 17.20 -16.51
C GLN C 264 2.47 18.60 -15.91
N GLN C 265 1.74 19.57 -16.46
CA GLN C 265 1.84 20.95 -15.99
C GLN C 265 1.22 21.14 -14.60
N ALA C 266 0.07 20.49 -14.37
CA ALA C 266 -0.62 20.60 -13.09
C ALA C 266 0.29 20.22 -11.91
N LEU C 267 1.24 19.33 -12.17
CA LEU C 267 2.18 18.90 -11.14
C LEU C 267 3.03 20.06 -10.64
N ALA C 268 3.19 21.08 -11.48
CA ALA C 268 3.98 22.27 -11.16
C ALA C 268 3.26 23.13 -10.13
N LEU C 269 1.94 22.99 -10.11
CA LEU C 269 1.12 23.75 -9.17
C LEU C 269 1.44 23.36 -7.72
N THR C 270 1.02 24.19 -6.78
CA THR C 270 1.25 23.96 -5.35
C THR C 270 0.12 24.59 -4.53
N PHE C 271 -0.29 23.90 -3.47
CA PHE C 271 -1.37 24.42 -2.61
C PHE C 271 -0.87 25.31 -1.48
N PHE C 272 0.32 25.00 -0.96
CA PHE C 272 0.87 25.77 0.14
C PHE C 272 2.33 26.07 -0.10
N PRO C 273 2.63 26.90 -1.11
CA PRO C 273 4.03 27.23 -1.42
C PRO C 273 4.87 27.66 -0.24
N GLU C 274 4.43 28.69 0.47
CA GLU C 274 5.16 29.19 1.62
C GLU C 274 5.63 28.03 2.49
N LEU C 275 4.72 27.08 2.70
CA LEU C 275 5.01 25.90 3.51
C LEU C 275 6.18 25.07 2.99
N PHE C 276 6.34 25.04 1.66
CA PHE C 276 7.43 24.29 1.04
C PHE C 276 8.68 25.13 0.83
N ASP C 277 8.54 26.45 0.78
CA ASP C 277 9.68 27.33 0.57
C ASP C 277 10.54 27.51 1.81
N VAL C 278 9.90 27.61 2.98
CA VAL C 278 10.62 27.81 4.24
C VAL C 278 11.69 26.76 4.43
N ARG C 279 11.44 25.58 3.86
CA ARG C 279 12.36 24.46 3.96
C ARG C 279 13.78 24.87 3.58
N THR C 280 13.93 25.96 2.83
CA THR C 280 15.25 26.39 2.41
C THR C 280 15.95 27.37 3.35
N SER C 281 15.18 28.05 4.19
CA SER C 281 15.76 29.02 5.12
C SER C 281 15.30 28.70 6.52
N VAL C 282 15.37 27.44 6.89
CA VAL C 282 14.94 27.03 8.22
C VAL C 282 16.17 26.63 9.02
N GLY C 283 16.27 27.15 10.25
CA GLY C 283 17.38 26.84 11.12
C GLY C 283 18.77 27.16 10.58
N VAL C 284 18.89 28.28 9.87
CA VAL C 284 20.17 28.67 9.30
C VAL C 284 20.63 30.01 9.86
N ARG D 21 32.98 7.55 6.94
CA ARG D 21 33.68 8.70 6.30
C ARG D 21 32.68 9.64 5.65
N LEU D 22 33.18 10.60 4.87
CA LEU D 22 32.33 11.57 4.22
C LEU D 22 31.64 11.07 2.95
N THR D 23 32.05 9.91 2.47
CA THR D 23 31.44 9.35 1.26
C THR D 23 30.08 8.73 1.56
N TYR D 24 29.22 8.72 0.55
CA TYR D 24 27.87 8.15 0.65
C TYR D 24 27.95 6.68 1.08
N GLY D 25 28.73 5.89 0.34
CA GLY D 25 28.89 4.50 0.68
C GLY D 25 29.65 4.32 1.98
N GLY D 26 30.39 5.36 2.36
CA GLY D 26 31.15 5.33 3.60
C GLY D 26 30.29 5.61 4.81
N TYR D 27 29.47 6.65 4.72
CA TYR D 27 28.58 7.00 5.81
C TYR D 27 27.60 5.86 6.10
N LEU D 28 27.00 5.32 5.05
CA LEU D 28 26.02 4.24 5.17
C LEU D 28 26.66 2.89 5.37
N ARG D 29 27.98 2.87 5.21
CA ARG D 29 28.75 1.65 5.38
C ARG D 29 28.25 0.50 4.53
N LEU D 30 28.03 0.81 3.25
CA LEU D 30 27.51 -0.16 2.31
C LEU D 30 28.41 -1.37 2.05
N ASP D 31 29.71 -1.23 2.22
CA ASP D 31 30.59 -2.38 1.98
C ASP D 31 30.37 -3.39 3.09
N GLN D 32 29.96 -2.92 4.24
CA GLN D 32 29.71 -3.82 5.34
C GLN D 32 28.31 -4.43 5.17
N LEU D 33 27.34 -3.57 4.87
CA LEU D 33 25.95 -3.99 4.72
C LEU D 33 25.69 -4.89 3.51
N LEU D 34 26.32 -4.53 2.39
CA LEU D 34 26.15 -5.26 1.15
C LEU D 34 26.99 -6.55 1.00
N SER D 35 27.73 -6.93 2.03
CA SER D 35 28.52 -8.16 1.98
C SER D 35 28.03 -9.10 3.08
N ALA D 36 26.87 -8.79 3.66
CA ALA D 36 26.30 -9.60 4.74
C ALA D 36 25.38 -10.68 4.23
N GLN D 37 25.23 -10.77 2.91
CA GLN D 37 24.38 -11.78 2.30
C GLN D 37 25.25 -12.94 1.84
N GLN D 38 25.22 -14.02 2.62
CA GLN D 38 26.02 -15.21 2.37
C GLN D 38 25.20 -16.49 2.16
N PRO D 39 24.66 -16.68 0.94
CA PRO D 39 23.87 -17.88 0.66
C PRO D 39 24.75 -19.09 0.91
N LEU D 40 24.30 -20.04 1.73
CA LEU D 40 25.13 -21.19 2.00
C LEU D 40 24.79 -22.42 1.14
N SER D 41 24.42 -22.20 -0.13
CA SER D 41 24.10 -23.28 -1.08
C SER D 41 25.26 -23.45 -2.08
N GLU D 42 26.04 -24.53 -1.92
CA GLU D 42 27.20 -24.80 -2.79
C GLU D 42 26.90 -24.54 -4.25
N PRO D 43 25.82 -25.12 -4.77
CA PRO D 43 25.48 -24.89 -6.17
C PRO D 43 25.09 -23.42 -6.43
N ALA D 44 24.52 -22.78 -5.40
CA ALA D 44 24.07 -21.37 -5.42
C ALA D 44 22.66 -21.21 -6.03
N HIS D 45 21.67 -21.09 -5.15
CA HIS D 45 20.30 -20.98 -5.62
C HIS D 45 19.80 -19.54 -5.82
N HIS D 46 19.12 -19.32 -6.94
CA HIS D 46 18.64 -17.98 -7.26
C HIS D 46 17.73 -17.32 -6.23
N ASP D 47 16.85 -18.11 -5.64
CA ASP D 47 15.90 -17.62 -4.67
C ASP D 47 16.38 -17.57 -3.23
N GLU D 48 17.68 -17.76 -3.00
CA GLU D 48 18.15 -17.71 -1.61
C GLU D 48 18.41 -16.26 -1.18
N MET D 49 18.82 -15.43 -2.15
CA MET D 49 19.12 -14.01 -1.94
C MET D 49 17.90 -13.32 -1.36
N LEU D 50 16.77 -13.49 -2.02
CA LEU D 50 15.49 -12.94 -1.57
C LEU D 50 15.24 -13.39 -0.13
N PHE D 51 15.43 -14.68 0.13
CA PHE D 51 15.21 -15.22 1.46
C PHE D 51 16.09 -14.49 2.50
N ILE D 52 17.34 -14.27 2.16
CA ILE D 52 18.23 -13.57 3.06
C ILE D 52 17.83 -12.10 3.19
N ILE D 53 17.89 -11.34 2.10
CA ILE D 53 17.53 -9.93 2.15
C ILE D 53 16.16 -9.60 2.76
N GLN D 54 15.18 -10.47 2.59
CA GLN D 54 13.85 -10.27 3.15
C GLN D 54 13.90 -10.30 4.68
N HIS D 55 14.88 -11.03 5.20
CA HIS D 55 15.11 -11.15 6.65
C HIS D 55 15.91 -9.96 7.16
N GLN D 56 16.89 -9.51 6.38
CA GLN D 56 17.73 -8.41 6.82
C GLN D 56 17.01 -7.08 6.81
N THR D 57 16.25 -6.79 5.76
CA THR D 57 15.49 -5.51 5.68
C THR D 57 14.55 -5.40 6.87
N SER D 58 13.95 -6.52 7.27
CA SER D 58 13.04 -6.56 8.42
C SER D 58 13.78 -6.22 9.70
N GLU D 59 14.95 -6.84 9.88
CA GLU D 59 15.79 -6.63 11.06
C GLU D 59 16.19 -5.16 11.18
N LEU D 60 16.36 -4.52 10.02
CA LEU D 60 16.73 -3.12 9.98
C LEU D 60 15.56 -2.27 10.44
N TRP D 61 14.37 -2.55 9.91
CA TRP D 61 13.16 -1.82 10.28
C TRP D 61 12.83 -2.03 11.76
N LEU D 62 13.14 -3.21 12.29
CA LEU D 62 12.87 -3.52 13.68
C LEU D 62 13.81 -2.68 14.55
N LYS D 63 15.06 -2.60 14.15
CA LYS D 63 16.00 -1.77 14.88
C LYS D 63 15.35 -0.38 15.03
N LEU D 64 15.08 0.30 13.91
CA LEU D 64 14.46 1.63 13.96
C LEU D 64 13.21 1.65 14.83
N LEU D 65 12.34 0.65 14.66
CA LEU D 65 11.10 0.54 15.44
C LEU D 65 11.42 0.55 16.93
N ALA D 66 12.49 -0.15 17.32
CA ALA D 66 12.86 -0.22 18.72
C ALA D 66 13.35 1.17 19.17
N HIS D 67 14.20 1.77 18.36
CA HIS D 67 14.74 3.10 18.62
C HIS D 67 13.62 4.13 18.83
N GLU D 68 12.58 4.09 17.99
CA GLU D 68 11.48 5.05 18.11
C GLU D 68 10.55 4.74 19.29
N LEU D 69 10.33 3.45 19.54
CA LEU D 69 9.46 3.00 20.62
C LEU D 69 10.05 3.38 21.97
N ARG D 70 11.36 3.21 22.12
CA ARG D 70 12.02 3.55 23.37
C ARG D 70 11.80 5.03 23.64
N ALA D 71 11.79 5.83 22.58
CA ALA D 71 11.59 7.26 22.75
C ALA D 71 10.14 7.56 23.13
N ALA D 72 9.23 6.66 22.76
CA ALA D 72 7.82 6.83 23.09
C ALA D 72 7.65 6.71 24.61
N ILE D 73 8.39 5.76 25.19
CA ILE D 73 8.36 5.51 26.63
C ILE D 73 8.92 6.71 27.41
N VAL D 74 10.06 7.22 26.95
CA VAL D 74 10.68 8.36 27.61
C VAL D 74 9.73 9.54 27.51
N HIS D 75 9.29 9.87 26.30
CA HIS D 75 8.38 11.00 26.16
C HIS D 75 7.16 10.92 27.11
N LEU D 76 6.58 9.73 27.24
CA LEU D 76 5.44 9.52 28.14
C LEU D 76 5.84 9.75 29.60
N GLN D 77 7.01 9.26 29.96
CA GLN D 77 7.50 9.42 31.32
C GLN D 77 7.56 10.90 31.65
N ARG D 78 7.90 11.69 30.64
CA ARG D 78 8.05 13.13 30.78
C ARG D 78 6.82 13.96 30.47
N ASP D 79 5.68 13.31 30.30
CA ASP D 79 4.45 14.04 30.04
C ASP D 79 4.52 14.87 28.76
N GLU D 80 5.30 14.39 27.78
CA GLU D 80 5.49 15.06 26.49
C GLU D 80 4.65 14.38 25.42
N VAL D 81 3.36 14.65 25.49
CA VAL D 81 2.36 14.07 24.59
C VAL D 81 2.52 14.30 23.09
N TRP D 82 2.83 15.53 22.67
CA TRP D 82 2.97 15.76 21.24
C TRP D 82 4.24 15.07 20.74
N GLN D 83 5.28 14.97 21.59
CA GLN D 83 6.49 14.29 21.17
C GLN D 83 6.24 12.80 21.03
N CYS D 84 5.54 12.22 22.00
CA CYS D 84 5.24 10.79 21.95
C CYS D 84 4.39 10.43 20.72
N ARG D 85 3.34 11.21 20.45
CA ARG D 85 2.52 10.91 19.31
C ARG D 85 3.36 10.91 18.04
N LYS D 86 4.33 11.82 17.98
CA LYS D 86 5.20 11.89 16.83
C LYS D 86 5.93 10.56 16.64
N VAL D 87 6.77 10.18 17.59
CA VAL D 87 7.52 8.92 17.48
C VAL D 87 6.60 7.73 17.21
N LEU D 88 5.39 7.77 17.77
CA LEU D 88 4.42 6.69 17.56
C LEU D 88 3.94 6.72 16.10
N ALA D 89 3.79 7.93 15.56
CA ALA D 89 3.35 8.05 14.17
C ALA D 89 4.41 7.41 13.26
N ARG D 90 5.69 7.59 13.57
CA ARG D 90 6.73 6.99 12.75
C ARG D 90 6.70 5.45 12.93
N SER D 91 6.63 4.98 14.18
CA SER D 91 6.56 3.54 14.49
C SER D 91 5.51 2.85 13.61
N LYS D 92 4.33 3.46 13.52
CA LYS D 92 3.26 2.92 12.71
C LYS D 92 3.75 2.74 11.28
N GLN D 93 4.38 3.78 10.73
CA GLN D 93 4.88 3.68 9.36
C GLN D 93 5.92 2.58 9.27
N VAL D 94 6.76 2.46 10.29
CA VAL D 94 7.75 1.41 10.22
C VAL D 94 7.05 0.05 10.31
N LEU D 95 6.14 -0.08 11.25
CA LEU D 95 5.41 -1.33 11.40
C LEU D 95 4.69 -1.68 10.11
N ARG D 96 4.10 -0.68 9.48
CA ARG D 96 3.38 -0.92 8.25
C ARG D 96 4.34 -1.44 7.18
N GLN D 97 5.57 -0.94 7.14
CA GLN D 97 6.52 -1.44 6.16
C GLN D 97 6.79 -2.90 6.44
N LEU D 98 7.00 -3.24 7.71
CA LEU D 98 7.24 -4.64 8.07
C LEU D 98 6.14 -5.50 7.45
N THR D 99 4.91 -5.06 7.64
CA THR D 99 3.74 -5.77 7.12
C THR D 99 3.70 -5.90 5.60
N GLU D 100 3.84 -4.76 4.93
CA GLU D 100 3.81 -4.64 3.47
C GLU D 100 4.91 -5.46 2.81
N GLN D 101 6.00 -5.59 3.53
CA GLN D 101 7.18 -6.31 3.09
C GLN D 101 6.92 -7.77 2.66
N TRP D 102 5.95 -8.43 3.30
CA TRP D 102 5.60 -9.83 2.97
C TRP D 102 5.16 -10.02 1.51
N SER D 103 4.69 -8.95 0.89
CA SER D 103 4.25 -9.06 -0.48
C SER D 103 5.37 -9.55 -1.40
N VAL D 104 6.59 -9.10 -1.16
CA VAL D 104 7.66 -9.54 -2.04
C VAL D 104 7.97 -11.02 -1.80
N LEU D 105 8.01 -11.42 -0.53
CA LEU D 105 8.29 -12.80 -0.19
C LEU D 105 7.23 -13.76 -0.76
N GLU D 106 6.00 -13.27 -0.87
CA GLU D 106 4.91 -14.07 -1.39
C GLU D 106 5.24 -14.65 -2.77
N THR D 107 6.31 -14.13 -3.37
CA THR D 107 6.79 -14.58 -4.68
C THR D 107 7.68 -15.80 -4.59
N LEU D 108 8.05 -16.18 -3.37
CA LEU D 108 8.88 -17.34 -3.14
C LEU D 108 7.96 -18.57 -3.11
N THR D 109 7.92 -19.34 -4.19
CA THR D 109 7.05 -20.53 -4.28
C THR D 109 7.70 -21.79 -3.69
N PRO D 110 6.89 -22.83 -3.40
CA PRO D 110 7.42 -24.09 -2.83
C PRO D 110 8.46 -24.78 -3.75
N SER D 111 8.32 -24.59 -5.07
CA SER D 111 9.24 -25.16 -6.06
C SER D 111 10.64 -24.55 -5.97
N GLU D 112 10.67 -23.29 -5.57
CA GLU D 112 11.89 -22.52 -5.42
C GLU D 112 12.47 -22.83 -4.03
N TYR D 113 11.65 -22.69 -3.00
CA TYR D 113 12.08 -22.96 -1.63
C TYR D 113 12.72 -24.34 -1.52
N MET D 114 12.17 -25.30 -2.26
CA MET D 114 12.67 -26.66 -2.31
C MET D 114 14.16 -26.74 -2.70
N GLY D 115 14.60 -25.79 -3.52
CA GLY D 115 15.98 -25.76 -3.98
C GLY D 115 17.10 -25.47 -3.00
N PHE D 116 16.79 -24.85 -1.86
CA PHE D 116 17.82 -24.54 -0.87
C PHE D 116 17.28 -24.73 0.53
N ARG D 117 16.11 -25.36 0.60
CA ARG D 117 15.45 -25.64 1.87
C ARG D 117 16.37 -26.44 2.79
N ASP D 118 16.99 -27.48 2.24
CA ASP D 118 17.87 -28.35 3.02
C ASP D 118 19.05 -27.71 3.74
N VAL D 119 19.79 -26.87 3.04
CA VAL D 119 20.97 -26.20 3.61
C VAL D 119 20.62 -25.12 4.65
N LEU D 120 19.41 -25.17 5.16
CA LEU D 120 19.00 -24.20 6.16
C LEU D 120 19.11 -24.81 7.55
N GLY D 121 19.57 -24.00 8.50
CA GLY D 121 19.71 -24.47 9.87
C GLY D 121 18.35 -24.57 10.51
N PRO D 122 18.24 -25.12 11.72
CA PRO D 122 16.96 -25.27 12.43
C PRO D 122 16.47 -23.94 13.03
N SER D 123 17.24 -22.87 12.86
CA SER D 123 16.90 -21.55 13.39
C SER D 123 15.53 -21.05 12.92
N SER D 124 15.05 -20.02 13.60
CA SER D 124 13.77 -19.38 13.28
C SER D 124 13.75 -17.96 13.85
N GLY D 125 12.80 -17.16 13.38
CA GLY D 125 12.68 -15.80 13.85
C GLY D 125 12.47 -15.72 15.34
N PHE D 126 12.20 -16.86 15.96
CA PHE D 126 12.02 -16.90 17.40
C PHE D 126 13.31 -16.47 18.10
N GLN D 127 14.43 -16.53 17.39
CA GLN D 127 15.72 -16.14 17.96
C GLN D 127 16.01 -14.65 17.74
N SER D 128 15.08 -13.96 17.08
CA SER D 128 15.22 -12.54 16.81
C SER D 128 15.19 -11.75 18.11
N LEU D 129 16.36 -11.29 18.55
CA LEU D 129 16.47 -10.51 19.78
C LEU D 129 15.72 -9.20 19.63
N GLN D 130 15.96 -8.49 18.54
CA GLN D 130 15.29 -7.21 18.33
C GLN D 130 13.80 -7.38 18.36
N TYR D 131 13.31 -8.42 17.71
CA TYR D 131 11.89 -8.68 17.68
C TYR D 131 11.41 -8.86 19.11
N ARG D 132 12.10 -9.72 19.85
CA ARG D 132 11.78 -9.97 21.23
C ARG D 132 11.73 -8.68 22.03
N TYR D 133 12.65 -7.78 21.70
CA TYR D 133 12.76 -6.49 22.37
C TYR D 133 11.46 -5.74 22.24
N ILE D 134 10.97 -5.69 21.01
CA ILE D 134 9.72 -5.02 20.65
C ILE D 134 8.59 -5.64 21.47
N GLU D 135 8.45 -6.95 21.35
CA GLU D 135 7.41 -7.70 22.05
C GLU D 135 7.39 -7.34 23.52
N PHE D 136 8.56 -7.30 24.14
CA PHE D 136 8.72 -6.99 25.58
C PHE D 136 8.33 -5.54 25.86
N LEU D 137 8.87 -4.67 25.03
CA LEU D 137 8.65 -3.25 25.13
C LEU D 137 7.17 -2.89 25.03
N LEU D 138 6.41 -3.68 24.25
CA LEU D 138 4.99 -3.41 24.09
C LEU D 138 4.15 -4.05 25.17
N GLY D 139 4.75 -4.91 25.98
CA GLY D 139 3.97 -5.50 27.04
C GLY D 139 3.92 -7.01 27.14
N ASN D 140 4.25 -7.69 26.05
CA ASN D 140 4.24 -9.14 26.05
C ASN D 140 5.54 -9.62 26.74
N LYS D 141 5.61 -9.45 28.05
CA LYS D 141 6.78 -9.85 28.86
C LYS D 141 6.83 -11.36 29.07
N ASN D 142 8.01 -11.94 29.14
CA ASN D 142 8.13 -13.39 29.36
C ASN D 142 9.53 -13.71 29.85
N PRO D 143 9.72 -13.81 31.18
CA PRO D 143 11.00 -14.11 31.81
C PRO D 143 11.72 -15.31 31.20
N GLN D 144 10.97 -16.38 30.99
CA GLN D 144 11.55 -17.59 30.44
C GLN D 144 12.18 -17.37 29.08
N MET D 145 11.98 -16.18 28.54
CA MET D 145 12.53 -15.87 27.23
C MET D 145 13.92 -15.27 27.33
N LEU D 146 14.47 -15.21 28.53
CA LEU D 146 15.79 -14.64 28.72
C LEU D 146 16.89 -15.67 28.44
N GLN D 147 16.62 -16.94 28.73
CA GLN D 147 17.60 -17.97 28.49
C GLN D 147 17.91 -18.21 27.03
N VAL D 148 16.95 -17.97 26.16
CA VAL D 148 17.20 -18.18 24.75
C VAL D 148 18.24 -17.20 24.22
N PHE D 149 18.67 -16.27 25.06
CA PHE D 149 19.68 -15.29 24.65
C PHE D 149 20.90 -15.28 25.55
N ALA D 150 21.25 -16.47 26.04
CA ALA D 150 22.40 -16.63 26.90
C ALA D 150 23.71 -16.40 26.14
N TYR D 151 23.82 -16.96 24.94
CA TYR D 151 25.02 -16.83 24.13
C TYR D 151 25.54 -15.39 24.08
N ASP D 152 24.63 -14.44 24.23
CA ASP D 152 25.01 -13.04 24.19
C ASP D 152 24.51 -12.30 25.41
N PRO D 153 25.34 -12.24 26.45
CA PRO D 153 24.96 -11.55 27.68
C PRO D 153 24.65 -10.08 27.48
N ALA D 154 25.33 -9.43 26.55
CA ALA D 154 25.07 -8.02 26.32
C ALA D 154 23.62 -7.79 25.91
N GLY D 155 23.19 -8.53 24.89
CA GLY D 155 21.82 -8.41 24.42
C GLY D 155 20.85 -8.87 25.47
N GLN D 156 21.19 -9.95 26.17
CA GLN D 156 20.32 -10.48 27.21
C GLN D 156 20.14 -9.39 28.26
N ALA D 157 21.15 -8.55 28.41
CA ALA D 157 21.10 -7.47 29.37
C ALA D 157 20.08 -6.43 28.92
N ARG D 158 20.25 -5.96 27.70
CA ARG D 158 19.35 -4.97 27.13
C ARG D 158 17.91 -5.43 27.17
N LEU D 159 17.73 -6.75 27.14
CA LEU D 159 16.41 -7.37 27.18
C LEU D 159 15.86 -7.44 28.59
N ARG D 160 16.75 -7.66 29.56
CA ARG D 160 16.34 -7.75 30.95
C ARG D 160 15.92 -6.37 31.45
N GLU D 161 16.59 -5.33 30.95
CA GLU D 161 16.25 -3.96 31.36
C GLU D 161 14.80 -3.62 31.00
N VAL D 162 14.44 -3.83 29.73
CA VAL D 162 13.09 -3.54 29.29
C VAL D 162 12.08 -4.47 29.97
N LEU D 163 12.54 -5.66 30.33
CA LEU D 163 11.69 -6.63 30.99
C LEU D 163 11.30 -6.16 32.39
N GLU D 164 12.23 -5.51 33.07
CA GLU D 164 11.97 -5.06 34.42
C GLU D 164 11.24 -3.72 34.47
N ALA D 165 11.34 -2.95 33.39
CA ALA D 165 10.70 -1.63 33.27
C ALA D 165 9.26 -1.75 32.80
N PRO D 166 8.40 -0.81 33.23
CA PRO D 166 7.01 -0.88 32.79
C PRO D 166 6.95 -0.87 31.25
N SER D 167 5.87 -1.39 30.67
CA SER D 167 5.75 -1.40 29.22
C SER D 167 5.23 -0.06 28.74
N LEU D 168 5.13 0.07 27.42
CA LEU D 168 4.62 1.28 26.81
C LEU D 168 3.22 1.51 27.40
N TYR D 169 2.40 0.45 27.41
CA TYR D 169 1.05 0.52 27.97
C TYR D 169 1.07 0.97 29.43
N GLU D 170 1.94 0.35 30.23
CA GLU D 170 2.02 0.70 31.65
C GLU D 170 2.46 2.14 31.90
N GLU D 171 3.39 2.62 31.10
CA GLU D 171 3.85 3.99 31.26
C GLU D 171 2.71 4.90 30.81
N PHE D 172 1.85 4.39 29.94
CA PHE D 172 0.73 5.19 29.49
C PHE D 172 -0.32 5.27 30.56
N LEU D 173 -0.38 4.21 31.37
CA LEU D 173 -1.31 4.10 32.48
C LEU D 173 -0.85 4.99 33.64
N ARG D 174 0.44 4.96 33.94
CA ARG D 174 0.96 5.79 35.02
C ARG D 174 0.85 7.26 34.61
N TYR D 175 0.79 7.49 33.30
CA TYR D 175 0.65 8.83 32.74
C TYR D 175 -0.75 9.35 33.05
N LEU D 176 -1.75 8.52 32.76
CA LEU D 176 -3.13 8.90 33.04
C LEU D 176 -3.30 9.12 34.53
N ALA D 177 -2.55 8.39 35.35
CA ALA D 177 -2.65 8.50 36.81
C ALA D 177 -2.21 9.86 37.33
N ARG D 178 -1.27 10.46 36.60
CA ARG D 178 -0.73 11.78 36.92
C ARG D 178 -1.67 12.90 36.51
N PHE D 179 -2.84 12.58 35.95
CA PHE D 179 -3.72 13.66 35.57
C PHE D 179 -5.18 13.50 35.92
N GLY D 180 -5.43 12.86 37.07
CA GLY D 180 -6.78 12.71 37.56
C GLY D 180 -7.52 11.42 37.29
N HIS D 181 -6.98 10.61 36.40
CA HIS D 181 -7.60 9.34 36.02
C HIS D 181 -7.43 8.29 37.11
N ALA D 182 -8.54 7.67 37.46
CA ALA D 182 -8.57 6.65 38.49
C ALA D 182 -7.78 5.41 38.13
N ILE D 183 -6.46 5.52 38.10
CA ILE D 183 -5.62 4.38 37.77
C ILE D 183 -5.36 3.61 39.06
N PRO D 184 -5.71 2.31 39.10
CA PRO D 184 -5.50 1.44 40.26
C PRO D 184 -4.09 1.64 40.84
N GLN D 185 -4.03 2.03 42.11
CA GLN D 185 -2.77 2.27 42.81
C GLN D 185 -1.67 1.24 42.54
N GLN D 186 -2.05 0.01 42.25
CA GLN D 186 -1.08 -1.04 41.98
C GLN D 186 -0.13 -0.68 40.85
N TYR D 187 -0.57 0.14 39.91
CA TYR D 187 0.30 0.51 38.79
C TYR D 187 1.38 1.52 39.16
N GLN D 188 1.57 1.73 40.45
CA GLN D 188 2.60 2.66 40.92
C GLN D 188 3.87 1.88 41.21
N ALA D 189 3.70 0.69 41.80
CA ALA D 189 4.82 -0.17 42.14
C ALA D 189 4.48 -1.66 42.12
N ARG D 190 4.98 -2.36 41.09
CA ARG D 190 4.75 -3.80 40.96
C ARG D 190 5.89 -4.46 40.19
N ASP D 191 5.89 -5.79 40.17
CA ASP D 191 6.91 -6.55 39.47
C ASP D 191 6.62 -6.45 37.98
N TRP D 192 7.25 -5.50 37.30
CA TRP D 192 6.99 -5.32 35.87
C TRP D 192 7.42 -6.53 35.03
N THR D 193 8.16 -7.44 35.66
CA THR D 193 8.63 -8.67 35.04
C THR D 193 7.46 -9.53 34.58
N ALA D 194 6.32 -9.39 35.27
CA ALA D 194 5.12 -10.16 34.90
C ALA D 194 4.26 -9.38 33.90
N ALA D 195 3.89 -10.03 32.80
CA ALA D 195 3.07 -9.39 31.78
C ALA D 195 1.77 -8.83 32.33
N HIS D 196 1.37 -7.67 31.83
CA HIS D 196 0.14 -7.04 32.29
C HIS D 196 -1.07 -7.99 32.26
N VAL D 197 -1.96 -7.87 33.23
CA VAL D 197 -3.14 -8.72 33.24
C VAL D 197 -4.39 -7.84 33.07
N ALA D 198 -5.25 -8.22 32.12
CA ALA D 198 -6.47 -7.49 31.84
C ALA D 198 -7.10 -7.08 33.16
N ASP D 199 -7.28 -5.79 33.34
CA ASP D 199 -7.87 -5.28 34.57
C ASP D 199 -9.22 -4.66 34.24
N ASP D 200 -10.28 -5.32 34.71
CA ASP D 200 -11.64 -4.88 34.51
C ASP D 200 -11.83 -3.51 35.17
N THR D 201 -11.17 -3.26 36.30
CA THR D 201 -11.36 -1.98 36.94
C THR D 201 -10.74 -0.81 36.16
N LEU D 202 -10.44 -1.03 34.89
CA LEU D 202 -9.88 -0.01 34.03
C LEU D 202 -10.91 0.45 32.98
N ARG D 203 -12.03 -0.27 32.89
CA ARG D 203 -13.09 0.07 31.94
C ARG D 203 -13.67 1.47 32.14
N PRO D 204 -14.04 1.82 33.40
CA PRO D 204 -14.60 3.16 33.60
C PRO D 204 -13.62 4.29 33.29
N VAL D 205 -12.33 4.07 33.50
CA VAL D 205 -11.36 5.12 33.20
C VAL D 205 -11.43 5.43 31.70
N PHE D 206 -11.50 4.39 30.89
CA PHE D 206 -11.56 4.57 29.45
C PHE D 206 -12.95 4.91 28.91
N GLU D 207 -13.98 4.80 29.74
CA GLU D 207 -15.32 5.16 29.27
C GLU D 207 -15.40 6.68 29.33
N ARG D 208 -14.83 7.22 30.41
CA ARG D 208 -14.82 8.66 30.66
C ARG D 208 -14.12 9.33 29.49
N ILE D 209 -12.95 8.81 29.16
CA ILE D 209 -12.19 9.38 28.06
C ILE D 209 -12.93 9.35 26.73
N TYR D 210 -13.48 8.20 26.38
CA TYR D 210 -14.21 8.06 25.12
C TYR D 210 -15.58 8.79 25.11
N GLU D 211 -16.05 9.21 26.27
CA GLU D 211 -17.34 9.90 26.29
C GLU D 211 -17.20 11.41 26.45
N ASN D 212 -15.97 11.87 26.63
CA ASN D 212 -15.70 13.29 26.80
C ASN D 212 -14.39 13.60 26.07
N THR D 213 -14.36 13.33 24.76
CA THR D 213 -13.16 13.55 23.94
C THR D 213 -12.68 14.99 23.93
N ASP D 214 -13.59 15.91 23.68
CA ASP D 214 -13.24 17.30 23.64
C ASP D 214 -12.44 17.71 24.86
N ARG D 215 -12.73 17.06 25.99
CA ARG D 215 -12.01 17.37 27.21
C ARG D 215 -10.78 16.50 27.38
N TYR D 216 -10.91 15.20 27.17
CA TYR D 216 -9.76 14.30 27.29
C TYR D 216 -9.18 13.96 25.93
N TRP D 217 -8.96 14.98 25.10
CA TRP D 217 -8.43 14.73 23.78
C TRP D 217 -7.02 14.18 23.80
N ARG D 218 -6.14 14.69 24.67
CA ARG D 218 -4.78 14.17 24.68
C ARG D 218 -4.81 12.65 24.84
N GLU D 219 -5.35 12.20 25.97
CA GLU D 219 -5.48 10.79 26.31
C GLU D 219 -6.19 10.04 25.15
N TYR D 220 -7.29 10.61 24.70
CA TYR D 220 -8.03 10.05 23.60
C TYR D 220 -7.07 9.74 22.45
N SER D 221 -6.25 10.72 22.10
CA SER D 221 -5.27 10.57 21.02
C SER D 221 -4.35 9.37 21.18
N LEU D 222 -3.69 9.29 22.33
CA LEU D 222 -2.78 8.20 22.62
C LEU D 222 -3.53 6.85 22.57
N CYS D 223 -4.78 6.82 23.02
CA CYS D 223 -5.55 5.59 22.99
C CYS D 223 -5.64 5.01 21.59
N GLU D 224 -6.10 5.84 20.66
CA GLU D 224 -6.24 5.42 19.27
C GLU D 224 -4.89 5.11 18.64
N ASP D 225 -3.85 5.79 19.07
CA ASP D 225 -2.54 5.50 18.52
C ASP D 225 -2.20 4.09 18.98
N LEU D 226 -2.33 3.85 20.29
CA LEU D 226 -2.03 2.55 20.84
C LEU D 226 -2.79 1.44 20.10
N VAL D 227 -4.07 1.67 19.83
CA VAL D 227 -4.89 0.73 19.09
C VAL D 227 -4.29 0.55 17.68
N ASP D 228 -3.81 1.64 17.07
CA ASP D 228 -3.21 1.58 15.73
C ASP D 228 -1.97 0.66 15.74
N VAL D 229 -1.07 0.87 16.69
CA VAL D 229 0.14 0.07 16.78
C VAL D 229 -0.22 -1.40 16.95
N GLU D 230 -1.11 -1.70 17.89
CA GLU D 230 -1.48 -3.10 18.11
C GLU D 230 -2.13 -3.71 16.89
N THR D 231 -2.98 -2.93 16.22
CA THR D 231 -3.65 -3.44 15.07
C THR D 231 -2.67 -3.71 13.95
N GLN D 232 -1.84 -2.72 13.64
CA GLN D 232 -0.85 -2.88 12.59
C GLN D 232 0.08 -4.04 12.94
N PHE D 233 0.36 -4.22 14.21
CA PHE D 233 1.24 -5.31 14.64
C PHE D 233 0.59 -6.68 14.38
N GLN D 234 -0.73 -6.72 14.44
CA GLN D 234 -1.47 -7.94 14.21
C GLN D 234 -1.47 -8.23 12.71
N LEU D 235 -1.47 -7.18 11.90
CA LEU D 235 -1.45 -7.36 10.46
C LEU D 235 -0.14 -8.05 10.13
N TRP D 236 0.93 -7.55 10.71
CA TRP D 236 2.24 -8.14 10.46
C TRP D 236 2.22 -9.62 10.88
N ARG D 237 1.65 -9.85 12.06
CA ARG D 237 1.53 -11.18 12.62
C ARG D 237 0.78 -12.10 11.63
N PHE D 238 -0.35 -11.61 11.12
CA PHE D 238 -1.20 -12.36 10.17
C PHE D 238 -0.56 -12.57 8.78
N ARG D 239 -0.05 -11.50 8.18
CA ARG D 239 0.61 -11.59 6.88
C ARG D 239 1.80 -12.56 7.04
N HIS D 240 2.42 -12.56 8.21
CA HIS D 240 3.55 -13.44 8.48
C HIS D 240 3.08 -14.91 8.38
N MET D 241 2.00 -15.21 9.06
CA MET D 241 1.45 -16.55 9.08
C MET D 241 0.98 -16.99 7.69
N ARG D 242 0.29 -16.12 6.96
CA ARG D 242 -0.18 -16.51 5.64
C ARG D 242 0.98 -16.83 4.70
N THR D 243 2.07 -16.09 4.79
CA THR D 243 3.21 -16.33 3.93
C THR D 243 3.78 -17.71 4.25
N VAL D 244 3.93 -18.00 5.54
CA VAL D 244 4.44 -19.29 5.95
C VAL D 244 3.52 -20.38 5.41
N MET D 245 2.22 -20.13 5.48
CA MET D 245 1.29 -21.12 4.98
C MET D 245 1.53 -21.48 3.51
N ARG D 246 1.75 -20.47 2.66
CA ARG D 246 1.98 -20.76 1.24
C ARG D 246 3.38 -21.22 0.90
N VAL D 247 4.27 -21.21 1.89
CA VAL D 247 5.62 -21.64 1.63
C VAL D 247 5.87 -23.05 2.11
N ILE D 248 5.62 -23.29 3.39
CA ILE D 248 5.79 -24.62 3.99
C ILE D 248 4.47 -25.21 4.46
N GLY D 249 3.42 -24.41 4.38
CA GLY D 249 2.11 -24.89 4.78
C GLY D 249 1.95 -25.22 6.25
N PHE D 250 0.75 -25.72 6.56
CA PHE D 250 0.41 -26.09 7.92
C PHE D 250 0.96 -27.49 8.15
N LYS D 251 0.39 -28.19 9.12
CA LYS D 251 0.80 -29.56 9.42
C LYS D 251 0.16 -30.07 10.72
N ARG D 252 -0.97 -29.50 11.08
CA ARG D 252 -1.66 -29.91 12.29
C ARG D 252 -2.29 -31.29 12.11
N SER D 257 1.43 -26.36 20.72
CA SER D 257 2.02 -26.61 19.40
C SER D 257 3.02 -25.52 18.98
N SER D 258 4.12 -25.94 18.38
CA SER D 258 5.15 -25.01 17.91
C SER D 258 5.45 -25.18 16.41
N GLY D 259 4.99 -24.20 15.64
CA GLY D 259 5.17 -24.19 14.21
C GLY D 259 4.14 -23.25 13.57
N VAL D 260 3.62 -23.64 12.41
CA VAL D 260 2.62 -22.84 11.71
C VAL D 260 1.39 -22.66 12.61
N GLY D 261 1.07 -23.66 13.42
CA GLY D 261 -0.07 -23.56 14.31
C GLY D 261 0.22 -22.64 15.48
N PHE D 262 1.51 -22.49 15.79
CA PHE D 262 1.96 -21.63 16.86
C PHE D 262 1.77 -20.17 16.50
N LEU D 263 2.10 -19.84 15.25
CA LEU D 263 1.96 -18.47 14.76
C LEU D 263 0.50 -18.07 14.85
N GLN D 264 -0.37 -19.06 14.93
CA GLN D 264 -1.79 -18.83 15.03
C GLN D 264 -2.15 -18.55 16.49
N GLN D 265 -1.28 -18.97 17.39
CA GLN D 265 -1.48 -18.76 18.82
C GLN D 265 -1.17 -17.32 19.23
N ALA D 266 -0.17 -16.72 18.56
CA ALA D 266 0.25 -15.34 18.81
C ALA D 266 -0.81 -14.33 18.38
N LEU D 267 -1.63 -14.68 17.39
CA LEU D 267 -2.67 -13.79 16.91
C LEU D 267 -3.73 -13.53 17.95
N ALA D 268 -3.86 -14.45 18.90
CA ALA D 268 -4.84 -14.32 19.98
C ALA D 268 -4.36 -13.38 21.08
N LEU D 269 -3.04 -13.18 21.15
CA LEU D 269 -2.43 -12.31 22.15
C LEU D 269 -2.76 -10.85 21.90
N THR D 270 -2.84 -10.08 22.97
CA THR D 270 -3.16 -8.66 22.84
C THR D 270 -2.23 -7.84 23.71
N PHE D 271 -1.88 -6.65 23.25
CA PHE D 271 -0.98 -5.78 24.02
C PHE D 271 -1.74 -4.88 25.01
N PHE D 272 -2.94 -4.44 24.63
CA PHE D 272 -3.70 -3.53 25.49
C PHE D 272 -5.17 -3.93 25.58
N PRO D 273 -5.45 -5.10 26.15
CA PRO D 273 -6.84 -5.54 26.25
C PRO D 273 -7.87 -4.49 26.68
N GLU D 274 -7.57 -3.79 27.77
CA GLU D 274 -8.46 -2.77 28.32
C GLU D 274 -8.97 -1.85 27.20
N LEU D 275 -8.03 -1.39 26.37
CA LEU D 275 -8.34 -0.50 25.25
C LEU D 275 -9.44 -1.06 24.33
N PHE D 276 -9.32 -2.35 23.97
CA PHE D 276 -10.31 -3.00 23.11
C PHE D 276 -11.61 -3.32 23.85
N ASP D 277 -11.51 -3.74 25.11
CA ASP D 277 -12.72 -4.05 25.84
C ASP D 277 -13.66 -2.84 25.92
N VAL D 278 -13.16 -1.69 26.37
CA VAL D 278 -14.00 -0.51 26.54
C VAL D 278 -14.97 -0.31 25.36
N ARG D 279 -14.55 -0.75 24.19
CA ARG D 279 -15.36 -0.63 23.00
C ARG D 279 -16.71 -1.28 23.16
N THR D 280 -16.84 -2.14 24.15
CA THR D 280 -18.10 -2.85 24.35
C THR D 280 -19.09 -2.19 25.34
N SER D 281 -18.60 -1.23 26.12
CA SER D 281 -19.43 -0.52 27.09
C SER D 281 -19.40 1.01 26.92
N VAL D 282 -18.48 1.50 26.09
CA VAL D 282 -18.41 2.94 25.87
C VAL D 282 -19.78 3.46 25.42
N GLY D 283 -20.28 4.48 26.10
CA GLY D 283 -21.56 5.06 25.74
C GLY D 283 -22.80 4.23 26.04
N VAL D 284 -22.70 3.30 26.99
CA VAL D 284 -23.87 2.49 27.32
C VAL D 284 -24.56 3.07 28.55
#